data_9JH8
#
_entry.id   9JH8
#
_cell.length_a   1.00
_cell.length_b   1.00
_cell.length_c   1.00
_cell.angle_alpha   90.00
_cell.angle_beta   90.00
_cell.angle_gamma   90.00
#
_symmetry.space_group_name_H-M   'P 1'
#
loop_
_entity.id
_entity.type
_entity.pdbx_description
1 polymer 'Clostridium perfringens Argonaute (CpAgo)'
2 polymer "DNA (5'-D(P*TP*GP*AP*GP*GP*TP*AP*GP*TP*AP*GP*GP*TP*TP*GP*TP*AP*TP*AP*GP*T)-3')"
3 polymer "DNA (5'-D(*AP*CP*T*AP*TP*AP*CP*AP*AP*CP*CP*TP*AP*CP*TP*AP*CP*CP*TP*CP*G)-3')"
4 non-polymer 'MANGANESE (II) ION'
#
loop_
_entity_poly.entity_id
_entity_poly.type
_entity_poly.pdbx_seq_one_letter_code
_entity_poly.pdbx_strand_id
1 'polypeptide(L)'
;MVGGYKVSNLTVEAFEGIGSVNPMLFYQYKVTGKGKYDNVYKIIKSARYKMHSKNRFKPVFIKDDKLYTLEKLPDIEDLD
FANINFVKSEVLSIEDNMSIYGEVVEYYINLKLKKVKVLGKYPKYRINYSKEILSNTLLTRELKDEFKKSNKGFNLKRKF
RISPVVNKMGKVILYLSCSADFSTNKNIYEMLKEGLEVEGLAVKSEWSNISGNLVIESVLETKISEPTSLGQSLIDYYKN
NNQGYRVKDFTDEDLNANIVNVRGNKKIYMYIPHALKPIITREYLAKNDPEFSKEIEQLIKMNMNYRYETLKSFVNDIGV
IEELNNLSFKNKYYEDVKLLGYSSGKIDEPVLMGAKGIIKNKMQIFSNGFYKLPEGKVRFGVLYPKEFDGVSRKAIRAIY
DFSKEGKYHGESNKYIAEHLINVEFNPKECIFEGYELGDITEYKKAALKLNNYNNVDFVIAIVPNMSDEEIENSYNPFKK
IWAELNLPSQMISVKTAEIFANSRDNTALYYLHNIVLGILGKIGGIPWVVKDMKGDVDCFVGLDVGTREKGIHYPACSVV
FDKYGKLINYYKPNIPQNGEKINTEILQEIFDKVLISYEEENGAYPKNIVIHRAGFSREDLDWYENYFGKKNIKFNIIEV
KKSTPLKIASINEGNITNPEKGSYILRGNKAYMVTTDIKENLGSPKPLKIEKSYGDIDMLTALSQIYALTQIHVGATKSL
RLPITTGYADKICKAIEFIPQGRVDNRLFFL
;
A
2 'polydeoxyribonucleotide'
;(DT)(DG)(DA)(DG)(DG)(DT)(DA)(DG)(DT)(DA)(DG)(DG)(DT)(DT)(DG)(DT)(DA)(DT)(DA)(DG)
(DT)
;
C
3 'polydeoxyribonucleotide'
;(DA)(DC)(DT)(DA)(DT)(DA)(DC)(DA)(DA)(DC)(DC)(DT)(DA)(DC)(DT)(DA)(DC)(DC)(DT)(DC)
(DG)
;
E
#
loop_
_chem_comp.id
_chem_comp.type
_chem_comp.name
_chem_comp.formula
DA DNA linking 2'-DEOXYADENOSINE-5'-MONOPHOSPHATE 'C10 H14 N5 O6 P'
DC DNA linking 2'-DEOXYCYTIDINE-5'-MONOPHOSPHATE 'C9 H14 N3 O7 P'
DG DNA linking 2'-DEOXYGUANOSINE-5'-MONOPHOSPHATE 'C10 H14 N5 O7 P'
DT DNA linking THYMIDINE-5'-MONOPHOSPHATE 'C10 H15 N2 O8 P'
MN non-polymer 'MANGANESE (II) ION' 'Mn 2'
#
# COMPACT_ATOMS: atom_id res chain seq x y z
N VAL A 7 14.80 -5.19 -28.16
CA VAL A 7 13.93 -5.59 -27.07
C VAL A 7 14.77 -6.04 -25.87
N SER A 8 14.08 -6.44 -24.80
CA SER A 8 14.74 -6.75 -23.55
C SER A 8 13.93 -7.79 -22.79
N ASN A 9 14.56 -8.36 -21.77
CA ASN A 9 13.91 -9.32 -20.90
C ASN A 9 13.32 -8.63 -19.70
N LEU A 10 12.78 -9.42 -18.80
CA LEU A 10 12.32 -8.95 -17.51
C LEU A 10 12.90 -9.85 -16.45
N THR A 11 12.90 -9.39 -15.19
CA THR A 11 13.15 -10.34 -14.13
C THR A 11 12.43 -10.00 -12.85
N VAL A 12 12.38 -11.04 -12.04
CA VAL A 12 12.07 -10.96 -10.64
C VAL A 12 13.40 -10.87 -9.92
N GLU A 13 13.41 -10.20 -8.78
CA GLU A 13 14.59 -10.11 -7.93
C GLU A 13 14.82 -11.42 -7.19
N ALA A 14 15.65 -12.28 -7.78
CA ALA A 14 15.93 -13.57 -7.18
C ALA A 14 17.33 -14.02 -7.56
N PHE A 15 17.85 -14.94 -6.76
CA PHE A 15 19.20 -15.43 -6.89
C PHE A 15 19.23 -16.94 -6.94
N GLU A 16 19.93 -17.48 -7.93
CA GLU A 16 20.13 -18.91 -8.03
C GLU A 16 21.43 -19.26 -7.33
N GLY A 17 21.37 -20.32 -6.51
CA GLY A 17 22.53 -20.72 -5.73
C GLY A 17 23.43 -21.65 -6.52
N ILE A 18 24.71 -21.31 -6.57
CA ILE A 18 25.71 -22.20 -7.15
C ILE A 18 25.92 -23.37 -6.21
N GLY A 19 25.93 -24.58 -6.76
CA GLY A 19 26.03 -25.75 -5.93
C GLY A 19 24.66 -26.12 -5.40
N SER A 20 24.64 -27.15 -4.57
CA SER A 20 23.38 -27.71 -4.11
C SER A 20 23.41 -27.96 -2.62
N VAL A 21 22.23 -28.25 -2.08
CA VAL A 21 22.14 -28.71 -0.71
C VAL A 21 22.11 -30.22 -0.69
N ASN A 22 22.96 -30.80 0.14
CA ASN A 22 22.94 -32.23 0.33
C ASN A 22 21.98 -32.60 1.45
N PRO A 23 21.35 -33.76 1.40
CA PRO A 23 20.43 -34.13 2.47
C PRO A 23 21.19 -34.42 3.76
N MET A 24 20.93 -33.60 4.76
CA MET A 24 21.74 -33.58 5.97
C MET A 24 21.04 -34.36 7.07
N LEU A 25 21.79 -34.66 8.12
CA LEU A 25 21.28 -35.43 9.24
C LEU A 25 20.60 -34.49 10.23
N PHE A 26 19.29 -34.58 10.31
CA PHE A 26 18.52 -33.75 11.20
C PHE A 26 18.10 -34.53 12.43
N TYR A 27 17.89 -33.82 13.51
CA TYR A 27 17.64 -34.44 14.81
C TYR A 27 16.23 -34.12 15.24
N GLN A 28 15.40 -35.14 15.37
CA GLN A 28 13.99 -34.96 15.68
C GLN A 28 13.86 -34.65 17.16
N TYR A 29 12.85 -33.85 17.49
CA TYR A 29 12.55 -33.58 18.88
C TYR A 29 11.05 -33.42 19.05
N LYS A 30 10.48 -34.13 20.02
CA LYS A 30 9.09 -33.94 20.36
C LYS A 30 9.02 -32.95 21.51
N VAL A 31 7.87 -32.30 21.63
CA VAL A 31 7.57 -31.40 22.72
C VAL A 31 6.23 -31.79 23.30
N THR A 32 6.01 -31.48 24.57
CA THR A 32 4.76 -31.80 25.22
C THR A 32 4.41 -30.70 26.21
N GLY A 33 3.13 -30.32 26.22
CA GLY A 33 2.66 -29.17 26.97
C GLY A 33 2.51 -29.42 28.45
N LYS A 34 3.63 -29.37 29.18
CA LYS A 34 3.58 -29.49 30.64
C LYS A 34 2.77 -28.36 31.26
N GLY A 35 2.76 -27.19 30.63
CA GLY A 35 2.07 -26.04 31.15
C GLY A 35 0.56 -26.08 30.92
N LYS A 36 -0.04 -24.90 31.06
CA LYS A 36 -1.48 -24.76 30.96
C LYS A 36 -1.98 -24.90 29.53
N TYR A 37 -1.13 -24.66 28.54
CA TYR A 37 -1.50 -24.85 27.14
C TYR A 37 -1.11 -26.28 26.75
N ASP A 38 -2.06 -27.20 26.92
CA ASP A 38 -1.85 -28.59 26.52
C ASP A 38 -1.62 -28.73 25.03
N ASN A 39 -2.20 -27.85 24.23
CA ASN A 39 -1.96 -27.84 22.80
C ASN A 39 -0.53 -27.38 22.57
N VAL A 40 0.30 -28.27 22.04
CA VAL A 40 1.67 -27.89 21.74
C VAL A 40 1.73 -27.05 20.49
N TYR A 41 0.70 -27.16 19.64
CA TYR A 41 0.67 -26.42 18.38
C TYR A 41 0.51 -24.93 18.62
N LYS A 42 -0.11 -24.56 19.74
CA LYS A 42 -0.20 -23.16 20.12
C LYS A 42 0.98 -22.69 20.96
N ILE A 43 1.92 -23.57 21.31
CA ILE A 43 3.13 -23.19 22.02
C ILE A 43 4.39 -23.77 21.39
N ILE A 44 4.32 -24.24 20.15
CA ILE A 44 5.51 -24.79 19.50
C ILE A 44 6.53 -23.69 19.23
N LYS A 45 6.05 -22.49 18.93
CA LYS A 45 6.96 -21.39 18.64
C LYS A 45 7.66 -20.93 19.90
N SER A 46 6.97 -21.00 21.04
CA SER A 46 7.55 -20.50 22.28
C SER A 46 8.64 -21.43 22.79
N ALA A 47 8.39 -22.74 22.75
CA ALA A 47 9.42 -23.70 23.08
C ALA A 47 10.55 -23.65 22.07
N ARG A 48 10.21 -23.40 20.80
CA ARG A 48 11.22 -23.24 19.76
C ARG A 48 12.15 -22.09 20.09
N TYR A 49 11.58 -20.93 20.40
CA TYR A 49 12.41 -19.75 20.58
C TYR A 49 13.16 -19.83 21.89
N LYS A 50 12.60 -20.51 22.89
CA LYS A 50 13.31 -20.62 24.15
C LYS A 50 14.49 -21.57 24.02
N MET A 51 14.30 -22.71 23.35
CA MET A 51 15.42 -23.64 23.23
C MET A 51 16.43 -23.15 22.21
N HIS A 52 15.96 -22.46 21.18
CA HIS A 52 16.85 -21.79 20.25
C HIS A 52 17.64 -20.68 20.94
N SER A 53 17.03 -20.02 21.92
CA SER A 53 17.71 -18.95 22.63
C SER A 53 18.78 -19.51 23.55
N LYS A 54 18.40 -20.47 24.40
CA LYS A 54 19.26 -20.90 25.49
C LYS A 54 20.41 -21.78 25.04
N ASN A 55 20.61 -21.97 23.75
CA ASN A 55 21.54 -22.99 23.28
C ASN A 55 22.39 -22.48 22.13
N ARG A 56 22.95 -21.28 22.31
CA ARG A 56 24.00 -20.68 21.47
C ARG A 56 23.46 -20.36 20.07
N PHE A 57 22.14 -20.20 19.99
CA PHE A 57 21.39 -19.85 18.76
C PHE A 57 21.63 -20.86 17.64
N LYS A 58 21.90 -22.10 18.03
CA LYS A 58 21.97 -23.19 17.08
C LYS A 58 20.57 -23.42 16.51
N PRO A 59 20.45 -23.89 15.26
CA PRO A 59 19.15 -23.79 14.56
C PRO A 59 18.12 -24.74 15.16
N VAL A 60 16.93 -24.21 15.41
CA VAL A 60 15.86 -24.97 16.02
C VAL A 60 14.61 -24.73 15.20
N PHE A 61 14.15 -25.76 14.51
CA PHE A 61 13.16 -25.59 13.46
C PHE A 61 11.84 -26.17 13.90
N ILE A 62 10.81 -25.93 13.10
CA ILE A 62 9.46 -26.39 13.42
C ILE A 62 8.92 -27.18 12.24
N LYS A 63 8.60 -28.45 12.49
CA LYS A 63 7.83 -29.29 11.57
C LYS A 63 6.44 -29.26 12.16
N ASP A 64 5.45 -29.73 11.38
CA ASP A 64 3.99 -29.71 11.60
C ASP A 64 3.60 -29.92 13.06
N ASP A 65 4.22 -30.85 13.79
CA ASP A 65 3.98 -30.95 15.22
C ASP A 65 5.24 -31.28 16.01
N LYS A 66 6.39 -31.26 15.37
CA LYS A 66 7.65 -31.63 16.00
C LYS A 66 8.67 -30.52 15.83
N LEU A 67 9.91 -30.83 16.18
CA LEU A 67 10.97 -29.83 16.24
C LEU A 67 12.29 -30.45 15.82
N TYR A 68 13.05 -29.71 15.05
CA TYR A 68 14.34 -30.17 14.55
C TYR A 68 15.45 -29.28 15.08
N THR A 69 16.62 -29.87 15.31
CA THR A 69 17.86 -29.13 15.31
C THR A 69 18.81 -29.81 14.33
N LEU A 70 19.65 -29.01 13.71
CA LEU A 70 20.64 -29.59 12.83
C LEU A 70 21.79 -30.21 13.60
N GLU A 71 21.99 -29.85 14.87
CA GLU A 71 23.05 -30.42 15.69
C GLU A 71 22.52 -30.83 17.05
N LYS A 72 23.33 -31.61 17.76
CA LYS A 72 22.87 -32.39 18.89
C LYS A 72 22.76 -31.52 20.13
N LEU A 73 21.54 -31.27 20.56
CA LEU A 73 21.29 -30.48 21.74
C LEU A 73 20.50 -31.34 22.73
N PRO A 74 20.88 -31.37 23.99
CA PRO A 74 20.34 -32.38 24.91
C PRO A 74 18.90 -32.08 25.31
N ASP A 75 18.26 -33.10 25.88
CA ASP A 75 16.87 -32.98 26.31
C ASP A 75 16.78 -32.11 27.55
N ILE A 76 16.08 -30.99 27.43
CA ILE A 76 16.05 -29.98 28.48
C ILE A 76 14.62 -29.81 28.94
N GLU A 77 14.39 -29.99 30.24
CA GLU A 77 13.06 -30.05 30.81
C GLU A 77 12.86 -29.04 31.94
N ASP A 78 13.72 -28.03 32.03
CA ASP A 78 13.52 -26.97 33.00
C ASP A 78 12.35 -26.08 32.60
N LEU A 79 12.06 -26.03 31.30
CA LEU A 79 11.07 -25.13 30.74
C LEU A 79 9.68 -25.51 31.22
N ASP A 80 9.00 -24.53 31.84
CA ASP A 80 7.86 -24.85 32.69
C ASP A 80 6.65 -25.30 31.89
N PHE A 81 6.64 -25.04 30.58
CA PHE A 81 5.54 -25.52 29.75
C PHE A 81 5.92 -26.68 28.86
N ALA A 82 7.18 -26.82 28.48
CA ALA A 82 7.59 -27.81 27.49
C ALA A 82 8.73 -28.66 28.03
N ASN A 83 8.60 -29.98 27.87
CA ASN A 83 9.67 -30.90 28.20
C ASN A 83 10.20 -31.49 26.89
N ILE A 84 11.23 -30.82 26.36
CA ILE A 84 11.79 -31.18 25.07
C ILE A 84 12.58 -32.46 25.18
N ASN A 85 12.29 -33.44 24.31
CA ASN A 85 12.96 -34.72 24.36
C ASN A 85 13.37 -35.13 22.96
N PHE A 86 14.49 -35.84 22.88
CA PHE A 86 14.97 -36.35 21.61
C PHE A 86 14.14 -37.55 21.18
N VAL A 87 13.92 -37.66 19.87
CA VAL A 87 13.11 -38.73 19.30
C VAL A 87 13.95 -39.64 18.41
N LYS A 88 14.48 -39.10 17.31
CA LYS A 88 15.25 -39.92 16.39
C LYS A 88 16.19 -39.02 15.62
N SER A 89 17.15 -39.65 14.99
CA SER A 89 18.17 -38.97 14.21
C SER A 89 18.12 -39.55 12.80
N GLU A 90 17.42 -38.87 11.91
CA GLU A 90 17.24 -39.38 10.57
C GLU A 90 17.67 -38.32 9.57
N VAL A 91 18.34 -38.77 8.51
CA VAL A 91 18.65 -37.90 7.38
C VAL A 91 17.35 -37.60 6.67
N LEU A 92 16.97 -36.33 6.65
CA LEU A 92 15.66 -35.97 6.16
C LEU A 92 15.70 -35.88 4.65
N SER A 93 14.77 -36.56 4.01
CA SER A 93 14.70 -36.52 2.56
C SER A 93 14.17 -35.17 2.11
N ILE A 94 14.90 -34.56 1.17
CA ILE A 94 14.63 -33.18 0.76
C ILE A 94 13.30 -33.07 0.05
N GLU A 95 12.96 -34.06 -0.78
CA GLU A 95 11.69 -34.07 -1.49
C GLU A 95 10.49 -34.20 -0.55
N ASP A 96 10.71 -34.67 0.68
CA ASP A 96 9.64 -34.63 1.67
C ASP A 96 9.46 -33.25 2.28
N ASN A 97 10.54 -32.58 2.65
CA ASN A 97 10.42 -31.25 3.23
C ASN A 97 11.28 -30.30 2.45
N MET A 98 10.65 -29.67 1.46
CA MET A 98 11.22 -28.49 0.82
C MET A 98 11.37 -27.38 1.84
N SER A 99 10.43 -27.29 2.77
CA SER A 99 10.32 -26.16 3.66
C SER A 99 11.43 -26.14 4.70
N ILE A 100 11.78 -27.30 5.26
CA ILE A 100 12.77 -27.29 6.33
C ILE A 100 14.17 -27.08 5.76
N TYR A 101 14.42 -27.56 4.54
CA TYR A 101 15.68 -27.24 3.90
C TYR A 101 15.77 -25.79 3.46
N GLY A 102 14.63 -25.19 3.07
CA GLY A 102 14.63 -23.75 2.89
C GLY A 102 14.90 -23.00 4.18
N GLU A 103 14.38 -23.52 5.28
CA GLU A 103 14.65 -22.96 6.59
C GLU A 103 16.11 -23.10 6.98
N VAL A 104 16.77 -24.17 6.52
CA VAL A 104 18.21 -24.32 6.71
C VAL A 104 18.95 -23.25 5.95
N VAL A 105 18.59 -23.03 4.68
CA VAL A 105 19.27 -22.03 3.87
C VAL A 105 19.08 -20.65 4.47
N GLU A 106 17.91 -20.40 5.05
CA GLU A 106 17.65 -19.17 5.77
C GLU A 106 18.53 -19.04 7.01
N TYR A 107 18.61 -20.11 7.81
CA TYR A 107 19.48 -20.09 8.99
C TYR A 107 20.93 -19.90 8.63
N TYR A 108 21.38 -20.48 7.53
CA TYR A 108 22.79 -20.39 7.22
C TYR A 108 23.16 -19.07 6.56
N ILE A 109 22.20 -18.43 5.89
CA ILE A 109 22.47 -17.05 5.48
C ILE A 109 22.51 -16.14 6.70
N ASN A 110 21.63 -16.37 7.67
CA ASN A 110 21.67 -15.53 8.86
C ASN A 110 22.91 -15.81 9.71
N LEU A 111 23.42 -17.04 9.70
CA LEU A 111 24.60 -17.35 10.50
C LEU A 111 25.87 -16.93 9.78
N LYS A 112 25.89 -16.98 8.46
CA LYS A 112 27.03 -16.42 7.74
C LYS A 112 27.04 -14.90 7.85
N LEU A 113 25.87 -14.28 7.98
CA LEU A 113 25.83 -12.82 7.94
C LEU A 113 25.84 -12.19 9.31
N LYS A 114 25.69 -12.96 10.38
CA LYS A 114 25.82 -12.38 11.72
C LYS A 114 27.21 -11.83 11.93
N LYS A 115 28.22 -12.62 11.62
CA LYS A 115 29.60 -12.27 11.90
C LYS A 115 30.13 -11.13 11.04
N VAL A 116 29.45 -10.78 9.95
CA VAL A 116 29.99 -9.84 8.97
C VAL A 116 29.97 -8.44 9.57
N LYS A 117 31.12 -7.85 9.71
CA LYS A 117 31.24 -6.53 10.30
C LYS A 117 31.55 -5.52 9.21
N VAL A 118 31.28 -4.25 9.50
CA VAL A 118 31.61 -3.16 8.60
C VAL A 118 32.49 -2.17 9.34
N LEU A 119 33.48 -1.62 8.61
CA LEU A 119 34.39 -0.58 9.09
C LEU A 119 35.15 -0.99 10.34
N GLY A 120 35.45 -2.28 10.46
CA GLY A 120 36.17 -2.82 11.59
C GLY A 120 35.33 -3.19 12.79
N LYS A 121 34.88 -2.22 13.58
CA LYS A 121 34.19 -2.57 14.81
C LYS A 121 32.74 -2.93 14.52
N TYR A 122 32.16 -2.29 13.53
CA TYR A 122 30.73 -2.12 13.51
C TYR A 122 30.07 -3.34 12.87
N PRO A 123 29.22 -4.08 13.59
CA PRO A 123 28.54 -5.21 12.98
C PRO A 123 27.52 -4.71 11.96
N LYS A 124 27.62 -5.21 10.75
CA LYS A 124 26.83 -4.64 9.68
C LYS A 124 25.37 -5.03 9.81
N TYR A 125 25.07 -6.31 9.86
CA TYR A 125 23.70 -6.78 9.79
C TYR A 125 23.19 -7.19 11.16
N ARG A 126 22.39 -6.36 11.79
CA ARG A 126 21.74 -6.73 13.05
C ARG A 126 20.72 -7.80 12.71
N ILE A 127 20.85 -8.97 13.33
CA ILE A 127 20.18 -10.18 12.89
C ILE A 127 19.58 -10.92 14.08
N ASN A 128 18.42 -11.55 13.88
CA ASN A 128 17.87 -12.50 14.83
C ASN A 128 17.38 -13.77 14.16
N TYR A 129 18.03 -14.16 13.06
CA TYR A 129 17.86 -15.44 12.37
C TYR A 129 16.45 -15.63 11.81
N SER A 130 16.04 -14.67 10.99
CA SER A 130 14.73 -14.78 10.36
C SER A 130 14.82 -14.30 8.93
N LYS A 131 13.66 -14.15 8.30
CA LYS A 131 13.62 -13.71 6.92
C LYS A 131 14.00 -12.25 6.76
N GLU A 132 13.89 -11.46 7.82
CA GLU A 132 14.10 -10.03 7.74
C GLU A 132 15.49 -9.71 8.25
N ILE A 133 16.29 -9.04 7.44
CA ILE A 133 17.68 -8.74 7.79
C ILE A 133 17.88 -7.24 7.76
N LEU A 134 18.21 -6.66 8.92
CA LEU A 134 18.41 -5.23 9.08
C LEU A 134 19.89 -4.94 8.86
N SER A 135 20.22 -4.26 7.78
CA SER A 135 21.60 -3.88 7.54
C SER A 135 21.77 -2.45 8.01
N ASN A 136 22.71 -2.23 8.94
CA ASN A 136 22.88 -0.90 9.50
C ASN A 136 23.41 0.06 8.47
N THR A 137 24.43 -0.30 7.74
CA THR A 137 24.91 0.62 6.74
C THR A 137 24.03 0.51 5.52
N LEU A 138 24.13 1.53 4.69
CA LEU A 138 23.31 1.71 3.51
C LEU A 138 24.17 1.56 2.28
N LEU A 139 23.54 1.74 1.14
CA LEU A 139 24.29 2.00 -0.08
C LEU A 139 23.87 3.37 -0.59
N THR A 140 24.84 4.19 -0.94
CA THR A 140 24.55 5.42 -1.64
C THR A 140 24.36 5.13 -3.12
N ARG A 141 24.24 6.18 -3.90
CA ARG A 141 24.21 5.98 -5.35
C ARG A 141 25.59 5.71 -5.91
N GLU A 142 26.63 5.97 -5.13
CA GLU A 142 28.01 5.78 -5.56
C GLU A 142 28.64 4.53 -4.96
N LEU A 143 27.81 3.59 -4.48
CA LEU A 143 28.23 2.25 -4.06
C LEU A 143 29.12 2.28 -2.81
N LYS A 144 28.89 3.24 -1.93
CA LYS A 144 29.69 3.34 -0.71
C LYS A 144 28.85 2.84 0.45
N ASP A 145 29.36 1.87 1.18
CA ASP A 145 28.68 1.41 2.39
C ASP A 145 28.85 2.50 3.42
N GLU A 146 27.83 3.30 3.63
CA GLU A 146 27.92 4.40 4.57
C GLU A 146 26.74 4.34 5.51
N PHE A 147 26.93 4.73 6.76
CA PHE A 147 25.79 4.97 7.61
C PHE A 147 25.01 6.17 7.09
N LYS A 148 23.72 6.18 7.32
CA LYS A 148 22.90 7.35 7.08
C LYS A 148 22.15 7.64 8.36
N LYS A 149 22.59 8.67 9.06
CA LYS A 149 21.94 9.14 10.26
C LYS A 149 21.91 10.66 10.22
N SER A 150 21.28 11.25 11.21
CA SER A 150 21.26 12.70 11.26
C SER A 150 22.01 13.19 12.50
N ASN A 151 22.04 14.51 12.64
CA ASN A 151 22.53 15.09 13.89
C ASN A 151 21.44 15.05 14.96
N LYS A 152 20.17 15.01 14.54
CA LYS A 152 19.14 14.54 15.45
C LYS A 152 19.40 13.09 15.81
N GLY A 153 19.44 12.22 14.80
CA GLY A 153 19.74 10.83 15.06
C GLY A 153 18.83 9.82 14.41
N PHE A 154 18.14 10.20 13.35
CA PHE A 154 17.24 9.26 12.70
C PHE A 154 18.01 8.38 11.74
N ASN A 155 17.81 7.07 11.87
CA ASN A 155 18.66 6.10 11.18
C ASN A 155 17.87 5.44 10.06
N LEU A 156 18.29 5.69 8.83
CA LEU A 156 17.90 4.87 7.71
C LEU A 156 18.62 3.55 7.80
N LYS A 157 17.89 2.45 7.59
CA LYS A 157 18.47 1.13 7.57
C LYS A 157 17.81 0.35 6.45
N ARG A 158 18.57 -0.46 5.75
CA ARG A 158 17.95 -1.39 4.83
C ARG A 158 17.44 -2.58 5.62
N LYS A 159 16.21 -2.94 5.37
CA LYS A 159 15.61 -4.13 5.93
C LYS A 159 15.51 -5.15 4.80
N PHE A 160 16.52 -5.98 4.66
CA PHE A 160 16.54 -7.00 3.62
C PHE A 160 15.58 -8.11 3.96
N ARG A 161 15.01 -8.71 2.93
CA ARG A 161 14.09 -9.82 3.08
C ARG A 161 14.58 -11.00 2.28
N ILE A 162 15.23 -11.96 2.93
CA ILE A 162 15.49 -13.25 2.35
C ILE A 162 14.22 -14.06 2.48
N SER A 163 13.98 -14.95 1.54
CA SER A 163 12.96 -16.00 1.68
C SER A 163 13.38 -17.08 0.70
N PRO A 164 14.30 -17.94 1.10
CA PRO A 164 14.83 -18.90 0.14
C PRO A 164 13.90 -20.08 0.03
N VAL A 165 13.86 -20.66 -1.15
CA VAL A 165 13.23 -21.96 -1.36
C VAL A 165 14.24 -22.84 -2.08
N VAL A 166 14.04 -24.13 -1.99
CA VAL A 166 14.96 -25.10 -2.55
C VAL A 166 14.15 -26.20 -3.22
N ASN A 167 14.57 -26.59 -4.43
CA ASN A 167 13.76 -27.52 -5.21
C ASN A 167 13.84 -28.94 -4.65
N LYS A 168 13.29 -29.89 -5.41
CA LYS A 168 13.20 -31.25 -4.89
C LYS A 168 14.56 -31.91 -4.79
N MET A 169 15.47 -31.61 -5.72
CA MET A 169 16.76 -32.28 -5.68
C MET A 169 17.76 -31.54 -4.81
N GLY A 170 17.69 -30.21 -4.76
CA GLY A 170 18.57 -29.51 -3.87
C GLY A 170 19.15 -28.19 -4.34
N LYS A 171 18.88 -27.80 -5.58
CA LYS A 171 19.23 -26.44 -5.99
C LYS A 171 18.35 -25.44 -5.25
N VAL A 172 18.90 -24.29 -4.94
CA VAL A 172 18.26 -23.35 -4.04
C VAL A 172 17.97 -22.05 -4.79
N ILE A 173 16.83 -21.45 -4.47
CA ILE A 173 16.41 -20.18 -5.04
C ILE A 173 16.28 -19.21 -3.89
N LEU A 174 16.98 -18.08 -3.98
CA LEU A 174 16.97 -17.08 -2.93
C LEU A 174 16.14 -15.90 -3.38
N TYR A 175 15.00 -15.69 -2.73
CA TYR A 175 14.15 -14.56 -3.06
C TYR A 175 14.48 -13.39 -2.14
N LEU A 176 14.93 -12.30 -2.75
CA LEU A 176 15.30 -11.11 -2.03
C LEU A 176 14.36 -9.97 -2.36
N SER A 177 14.25 -9.03 -1.43
CA SER A 177 13.54 -7.78 -1.63
C SER A 177 14.04 -6.81 -0.59
N CYS A 178 14.49 -5.65 -1.01
CA CYS A 178 15.09 -4.69 -0.10
C CYS A 178 14.09 -3.58 0.18
N SER A 179 14.13 -3.08 1.40
CA SER A 179 13.22 -2.03 1.84
C SER A 179 13.99 -1.10 2.76
N ALA A 180 13.55 0.13 2.84
CA ALA A 180 14.14 1.03 3.81
C ALA A 180 13.50 0.80 5.16
N ASP A 181 14.08 1.40 6.18
CA ASP A 181 13.59 1.25 7.54
C ASP A 181 14.07 2.40 8.39
N PHE A 182 13.15 2.99 9.15
CA PHE A 182 13.48 4.07 10.05
C PHE A 182 13.41 3.58 11.48
N SER A 183 14.44 3.88 12.24
CA SER A 183 14.32 3.97 13.69
C SER A 183 15.37 4.96 14.13
N THR A 184 15.30 5.39 15.37
CA THR A 184 16.33 6.28 15.82
C THR A 184 17.00 5.66 17.03
N ASN A 185 18.28 5.94 17.17
CA ASN A 185 19.01 5.52 18.35
C ASN A 185 18.60 6.30 19.58
N LYS A 186 17.94 7.43 19.41
CA LYS A 186 17.35 8.19 20.50
C LYS A 186 16.15 7.42 21.03
N ASN A 187 15.72 7.76 22.22
CA ASN A 187 14.44 7.33 22.72
C ASN A 187 13.76 8.52 23.40
N ILE A 188 12.63 8.24 24.06
CA ILE A 188 11.92 9.31 24.76
C ILE A 188 12.68 9.72 26.01
N TYR A 189 13.47 8.81 26.57
CA TYR A 189 14.42 9.21 27.60
C TYR A 189 15.46 10.15 27.02
N GLU A 190 15.89 9.90 25.78
CA GLU A 190 16.80 10.82 25.11
C GLU A 190 16.09 12.10 24.69
N MET A 191 14.76 12.02 24.55
CA MET A 191 13.99 13.24 24.32
C MET A 191 13.98 14.12 25.57
N LEU A 192 13.64 13.54 26.71
CA LEU A 192 13.42 14.34 27.92
C LEU A 192 14.73 14.79 28.55
N LYS A 193 15.78 13.98 28.45
CA LYS A 193 17.09 14.46 28.88
C LYS A 193 17.64 15.53 27.95
N GLU A 194 17.14 15.59 26.71
CA GLU A 194 17.33 16.78 25.90
C GLU A 194 16.22 17.80 26.11
N GLY A 195 15.12 17.40 26.74
CA GLY A 195 14.03 18.33 27.06
C GLY A 195 13.20 18.77 25.86
N LEU A 196 12.52 17.84 25.20
CA LEU A 196 11.65 18.16 24.08
C LEU A 196 10.23 17.74 24.41
N GLU A 197 9.26 18.36 23.76
CA GLU A 197 7.87 18.00 23.99
C GLU A 197 7.56 16.68 23.32
N VAL A 198 6.79 15.84 24.03
CA VAL A 198 6.54 14.47 23.61
C VAL A 198 5.06 14.11 23.59
N GLU A 199 4.20 14.96 24.14
CA GLU A 199 2.80 14.57 24.30
C GLU A 199 2.09 14.51 22.96
N GLY A 200 1.58 13.33 22.63
CA GLY A 200 0.95 13.09 21.36
C GLY A 200 1.76 12.30 20.37
N LEU A 201 2.81 11.61 20.81
CA LEU A 201 3.68 10.94 19.86
C LEU A 201 3.43 9.45 19.81
N ALA A 202 3.52 8.89 18.61
CA ALA A 202 3.35 7.47 18.38
C ALA A 202 4.62 6.72 18.73
N VAL A 203 4.51 5.70 19.56
CA VAL A 203 5.67 5.06 20.16
C VAL A 203 5.57 3.54 20.06
N LYS A 204 6.68 2.88 20.33
CA LYS A 204 6.84 1.45 20.12
C LYS A 204 7.58 0.85 21.29
N SER A 205 6.92 -0.04 22.02
CA SER A 205 7.46 -0.60 23.24
C SER A 205 8.27 -1.84 22.91
N GLU A 206 9.59 -1.74 23.07
CA GLU A 206 10.50 -2.84 22.83
C GLU A 206 10.53 -3.82 23.99
N TRP A 207 10.00 -3.43 25.13
CA TRP A 207 10.17 -4.23 26.34
C TRP A 207 8.87 -4.89 26.76
N SER A 208 7.79 -4.65 26.02
CA SER A 208 6.54 -5.36 26.18
C SER A 208 5.81 -5.25 24.85
N ASN A 209 5.35 -6.38 24.33
CA ASN A 209 4.71 -6.42 23.01
C ASN A 209 3.22 -6.23 23.19
N ILE A 210 2.72 -5.11 22.68
CA ILE A 210 1.36 -4.64 22.95
C ILE A 210 0.65 -4.44 21.62
N SER A 211 -0.55 -5.00 21.51
CA SER A 211 -1.38 -4.79 20.33
C SER A 211 -2.03 -3.42 20.38
N GLY A 212 -2.52 -2.97 19.23
CA GLY A 212 -2.97 -1.61 19.08
C GLY A 212 -1.81 -0.68 18.80
N ASN A 213 -2.14 0.52 18.35
CA ASN A 213 -1.09 1.51 18.14
C ASN A 213 -1.01 2.44 19.33
N LEU A 214 0.20 2.81 19.69
CA LEU A 214 0.49 3.50 20.94
C LEU A 214 0.68 4.99 20.64
N VAL A 215 0.15 5.84 21.52
CA VAL A 215 0.30 7.29 21.39
C VAL A 215 0.59 7.86 22.76
N ILE A 216 1.51 8.83 22.82
CA ILE A 216 1.89 9.38 24.12
C ILE A 216 0.77 10.25 24.67
N GLU A 217 0.26 9.86 25.84
CA GLU A 217 -0.66 10.73 26.57
C GLU A 217 0.08 11.88 27.22
N SER A 218 0.92 11.59 28.20
CA SER A 218 1.43 12.63 29.05
C SER A 218 2.73 12.16 29.68
N VAL A 219 3.30 13.03 30.49
CA VAL A 219 4.48 12.71 31.29
C VAL A 219 4.13 13.08 32.72
N LEU A 220 3.95 12.08 33.56
CA LEU A 220 3.81 12.37 34.97
C LEU A 220 5.16 12.77 35.54
N GLU A 221 5.15 13.72 36.46
CA GLU A 221 6.37 14.10 37.17
C GLU A 221 6.73 13.11 38.27
N THR A 222 5.90 12.10 38.49
CA THR A 222 6.14 11.13 39.54
C THR A 222 7.34 10.26 39.20
N LYS A 223 8.03 9.83 40.24
CA LYS A 223 9.28 9.10 40.06
C LYS A 223 9.01 7.66 39.66
N ILE A 224 9.89 7.12 38.83
CA ILE A 224 9.77 5.73 38.40
C ILE A 224 10.19 4.75 39.48
N SER A 225 10.76 5.25 40.58
CA SER A 225 11.33 4.40 41.63
C SER A 225 10.50 4.43 42.91
N GLU A 226 9.19 4.52 42.80
CA GLU A 226 8.28 4.54 43.94
C GLU A 226 7.22 3.50 43.74
N PRO A 227 6.48 3.11 44.80
CA PRO A 227 5.30 2.25 44.61
C PRO A 227 4.25 2.95 43.74
N THR A 228 3.62 2.15 42.86
CA THR A 228 2.82 2.69 41.77
C THR A 228 1.34 2.35 41.95
N SER A 229 0.55 2.78 40.96
CA SER A 229 -0.87 2.44 40.90
C SER A 229 -1.08 1.00 40.49
N LEU A 230 -0.08 0.39 39.84
CA LEU A 230 -0.10 -1.06 39.71
C LEU A 230 0.16 -1.76 41.03
N GLY A 231 0.76 -1.07 42.00
CA GLY A 231 0.96 -1.58 43.35
C GLY A 231 2.41 -1.62 43.78
N GLN A 232 3.31 -2.05 42.90
CA GLN A 232 4.72 -2.08 43.21
C GLN A 232 5.45 -1.15 42.25
N SER A 233 6.74 -0.98 42.49
CA SER A 233 7.55 -0.13 41.65
C SER A 233 7.74 -0.77 40.28
N LEU A 234 7.84 0.09 39.26
CA LEU A 234 8.05 -0.40 37.89
C LEU A 234 9.40 -1.06 37.74
N ILE A 235 10.37 -0.65 38.55
CA ILE A 235 11.66 -1.31 38.51
C ILE A 235 11.55 -2.73 39.04
N ASP A 236 10.66 -2.97 40.02
CA ASP A 236 10.41 -4.34 40.43
C ASP A 236 9.55 -5.06 39.40
N TYR A 237 8.71 -4.30 38.67
CA TYR A 237 7.92 -4.88 37.61
C TYR A 237 8.79 -5.43 36.50
N TYR A 238 9.95 -4.81 36.27
CA TYR A 238 10.84 -5.36 35.26
C TYR A 238 11.91 -6.27 35.87
N LYS A 239 12.08 -6.23 37.20
CA LYS A 239 12.85 -7.29 37.83
C LYS A 239 12.11 -8.62 37.76
N ASN A 240 10.78 -8.58 37.84
CA ASN A 240 9.98 -9.78 37.66
C ASN A 240 9.80 -10.13 36.19
N ASN A 241 10.21 -9.26 35.28
CA ASN A 241 10.25 -9.51 33.85
C ASN A 241 11.56 -10.16 33.44
N ASN A 242 12.49 -10.33 34.39
CA ASN A 242 13.84 -10.88 34.18
C ASN A 242 14.62 -10.05 33.17
N GLN A 243 14.35 -8.74 33.13
CA GLN A 243 14.93 -7.84 32.15
C GLN A 243 16.05 -7.04 32.80
N GLY A 244 16.60 -7.59 33.88
CA GLY A 244 17.55 -6.88 34.72
C GLY A 244 18.89 -6.63 34.08
N TYR A 245 19.20 -7.31 32.97
CA TYR A 245 20.45 -7.03 32.28
C TYR A 245 20.38 -5.71 31.52
N ARG A 246 19.17 -5.28 31.19
CA ARG A 246 19.02 -3.95 30.60
C ARG A 246 18.88 -2.88 31.68
N VAL A 247 17.99 -3.10 32.65
CA VAL A 247 17.66 -2.04 33.59
C VAL A 247 18.63 -1.98 34.75
N LYS A 248 19.52 -2.96 34.91
CA LYS A 248 20.58 -2.87 35.89
C LYS A 248 21.63 -1.85 35.48
N ASP A 249 21.68 -1.51 34.19
CA ASP A 249 22.53 -0.45 33.67
C ASP A 249 22.10 0.95 34.11
N PHE A 250 21.00 1.06 34.86
CA PHE A 250 20.46 2.36 35.23
C PHE A 250 21.32 3.05 36.27
N THR A 251 21.78 4.25 35.93
CA THR A 251 22.54 5.07 36.84
C THR A 251 21.59 5.87 37.71
N ASP A 252 22.14 6.81 38.49
CA ASP A 252 21.32 7.58 39.39
C ASP A 252 20.44 8.58 38.64
N GLU A 253 20.94 9.10 37.52
CA GLU A 253 20.08 9.95 36.69
C GLU A 253 19.04 9.12 35.96
N ASP A 254 19.32 7.83 35.74
CA ASP A 254 18.34 6.98 35.08
C ASP A 254 17.16 6.68 35.98
N LEU A 255 17.44 6.38 37.25
CA LEU A 255 16.36 6.21 38.23
C LEU A 255 15.77 7.54 38.66
N ASN A 256 16.38 8.66 38.26
CA ASN A 256 15.82 9.98 38.47
C ASN A 256 14.73 10.31 37.46
N ALA A 257 14.53 9.47 36.45
CA ALA A 257 13.58 9.77 35.39
C ALA A 257 12.13 9.69 35.88
N ASN A 258 11.23 10.10 35.01
CA ASN A 258 9.83 10.26 35.37
C ASN A 258 8.95 9.36 34.52
N ILE A 259 7.77 9.04 35.06
CA ILE A 259 6.89 8.09 34.41
C ILE A 259 6.19 8.76 33.24
N VAL A 260 6.20 8.09 32.09
CA VAL A 260 5.55 8.57 30.89
C VAL A 260 4.47 7.58 30.51
N ASN A 261 3.22 8.03 30.46
CA ASN A 261 2.10 7.15 30.13
C ASN A 261 1.70 7.30 28.68
N VAL A 262 1.05 6.27 28.15
CA VAL A 262 0.81 6.11 26.73
C VAL A 262 -0.46 5.30 26.53
N ARG A 263 -1.38 5.82 25.72
CA ARG A 263 -2.66 5.18 25.52
C ARG A 263 -2.48 3.96 24.64
N GLY A 264 -3.03 2.83 25.07
CA GLY A 264 -2.89 1.60 24.32
C GLY A 264 -4.21 0.97 23.94
N ASN A 265 -5.21 1.81 23.66
CA ASN A 265 -6.53 1.50 23.12
C ASN A 265 -7.41 0.72 24.08
N LYS A 266 -6.91 0.30 25.21
CA LYS A 266 -7.64 -0.45 26.21
C LYS A 266 -7.46 0.14 27.60
N LYS A 267 -6.31 0.75 27.86
CA LYS A 267 -5.86 1.30 29.13
C LYS A 267 -4.53 1.98 28.82
N ILE A 268 -4.23 3.08 29.51
CA ILE A 268 -2.92 3.67 29.36
C ILE A 268 -1.90 2.75 30.01
N TYR A 269 -0.67 2.80 29.53
CA TYR A 269 0.41 1.97 30.05
C TYR A 269 1.40 2.85 30.82
N MET A 270 1.67 2.45 32.05
CA MET A 270 2.50 3.24 32.97
C MET A 270 3.97 2.81 32.81
N TYR A 271 4.68 3.48 31.90
CA TYR A 271 6.01 3.06 31.48
C TYR A 271 7.04 4.16 31.71
N ILE A 272 8.31 3.79 31.51
CA ILE A 272 9.45 4.71 31.62
C ILE A 272 9.85 5.13 30.22
N PRO A 273 10.44 6.32 30.02
CA PRO A 273 10.66 6.79 28.64
C PRO A 273 11.76 6.03 27.94
N HIS A 274 12.65 5.40 28.71
CA HIS A 274 13.72 4.62 28.12
C HIS A 274 13.16 3.38 27.45
N ALA A 275 12.04 2.89 27.95
CA ALA A 275 11.42 1.67 27.43
C ALA A 275 10.74 1.88 26.09
N LEU A 276 10.65 3.11 25.61
CA LEU A 276 9.92 3.41 24.40
C LEU A 276 10.83 4.14 23.44
N LYS A 277 10.76 3.76 22.16
CA LYS A 277 11.20 4.62 21.07
C LYS A 277 9.97 5.28 20.49
N PRO A 278 10.06 6.45 19.88
CA PRO A 278 8.92 6.95 19.14
C PRO A 278 8.86 6.24 17.80
N ILE A 279 7.63 6.01 17.33
CA ILE A 279 7.46 5.45 15.99
C ILE A 279 7.91 6.49 14.98
N ILE A 280 8.83 6.10 14.13
CA ILE A 280 9.37 7.03 13.15
C ILE A 280 8.55 6.89 11.87
N THR A 281 7.38 7.51 11.85
CA THR A 281 6.65 7.78 10.63
C THR A 281 7.40 8.90 9.94
N ARG A 282 7.26 9.02 8.61
CA ARG A 282 8.03 10.04 7.92
C ARG A 282 7.53 11.44 8.28
N GLU A 283 6.27 11.54 8.76
CA GLU A 283 5.79 12.73 9.45
C GLU A 283 6.76 13.18 10.52
N TYR A 284 7.25 12.23 11.31
CA TYR A 284 8.10 12.57 12.44
C TYR A 284 9.46 13.04 11.96
N LEU A 285 9.87 12.56 10.78
CA LEU A 285 11.09 13.06 10.16
C LEU A 285 10.94 14.52 9.73
N ALA A 286 9.94 14.80 8.90
CA ALA A 286 9.81 16.15 8.35
C ALA A 286 9.46 17.14 9.45
N LYS A 287 8.81 16.68 10.50
CA LYS A 287 8.61 17.51 11.67
C LYS A 287 9.89 17.67 12.47
N ASN A 288 10.85 16.75 12.29
CA ASN A 288 12.02 16.77 13.17
C ASN A 288 13.35 16.91 12.47
N ASP A 289 13.44 16.61 11.17
CA ASP A 289 14.52 17.13 10.33
C ASP A 289 14.08 17.11 8.88
N PRO A 290 13.73 18.25 8.30
CA PRO A 290 13.33 18.26 6.89
C PRO A 290 14.48 18.04 5.93
N GLU A 291 15.66 18.61 6.22
CA GLU A 291 16.78 18.53 5.29
C GLU A 291 17.29 17.11 5.15
N PHE A 292 17.27 16.36 6.26
CA PHE A 292 17.59 14.95 6.24
C PHE A 292 16.62 14.16 5.39
N SER A 293 15.33 14.48 5.49
CA SER A 293 14.32 13.75 4.74
C SER A 293 14.49 13.98 3.25
N LYS A 294 14.78 15.22 2.86
CA LYS A 294 15.06 15.52 1.47
C LYS A 294 16.33 14.85 1.01
N GLU A 295 17.27 14.63 1.93
CA GLU A 295 18.48 13.89 1.57
C GLU A 295 18.19 12.42 1.32
N ILE A 296 17.41 11.79 2.19
CA ILE A 296 17.22 10.34 2.09
C ILE A 296 16.10 9.96 1.16
N GLU A 297 15.40 10.92 0.57
CA GLU A 297 14.36 10.52 -0.35
C GLU A 297 14.94 10.00 -1.65
N GLN A 298 16.17 10.39 -1.97
CA GLN A 298 16.83 9.70 -3.06
C GLN A 298 17.34 8.34 -2.64
N LEU A 299 17.28 8.01 -1.36
CA LEU A 299 17.75 6.72 -0.90
C LEU A 299 16.62 5.72 -0.74
N ILE A 300 15.43 6.17 -0.35
CA ILE A 300 14.36 5.23 -0.05
C ILE A 300 13.61 4.85 -1.32
N LYS A 301 13.29 5.82 -2.14
CA LYS A 301 12.84 5.51 -3.48
C LYS A 301 14.01 4.95 -4.27
N MET A 302 13.80 3.82 -4.93
CA MET A 302 14.91 3.06 -5.48
C MET A 302 14.61 2.70 -6.91
N ASN A 303 15.42 3.16 -7.83
CA ASN A 303 15.31 2.54 -9.14
C ASN A 303 16.00 1.19 -9.14
N MET A 304 15.82 0.45 -10.23
CA MET A 304 16.23 -0.95 -10.25
C MET A 304 17.73 -1.14 -10.31
N ASN A 305 18.46 -0.19 -10.88
CA ASN A 305 19.91 -0.30 -10.83
C ASN A 305 20.39 -0.16 -9.41
N TYR A 306 19.73 0.70 -8.65
CA TYR A 306 20.10 0.87 -7.26
C TYR A 306 19.68 -0.33 -6.42
N ARG A 307 18.53 -0.91 -6.72
CA ARG A 307 18.14 -2.12 -5.99
C ARG A 307 19.09 -3.27 -6.32
N TYR A 308 19.53 -3.35 -7.57
CA TYR A 308 20.47 -4.40 -7.95
C TYR A 308 21.81 -4.20 -7.28
N GLU A 309 22.26 -2.95 -7.13
CA GLU A 309 23.48 -2.71 -6.39
C GLU A 309 23.31 -3.05 -4.92
N THR A 310 22.12 -2.79 -4.38
CA THR A 310 21.87 -3.09 -2.98
C THR A 310 21.88 -4.58 -2.72
N LEU A 311 21.17 -5.33 -3.55
CA LEU A 311 21.18 -6.76 -3.35
C LEU A 311 22.48 -7.39 -3.81
N LYS A 312 23.24 -6.71 -4.67
CA LYS A 312 24.56 -7.21 -5.04
C LYS A 312 25.51 -7.10 -3.86
N SER A 313 25.42 -6.01 -3.11
CA SER A 313 26.16 -5.89 -1.86
C SER A 313 25.74 -6.95 -0.86
N PHE A 314 24.43 -7.20 -0.77
CA PHE A 314 23.92 -8.20 0.16
C PHE A 314 24.44 -9.59 -0.17
N VAL A 315 24.39 -9.96 -1.46
CA VAL A 315 24.72 -11.32 -1.81
C VAL A 315 26.22 -11.51 -1.88
N ASN A 316 26.99 -10.43 -2.08
CA ASN A 316 28.42 -10.56 -1.90
C ASN A 316 28.75 -10.67 -0.44
N ASP A 317 27.89 -10.14 0.44
CA ASP A 317 28.11 -10.36 1.86
C ASP A 317 27.70 -11.76 2.29
N ILE A 318 26.92 -12.48 1.49
CA ILE A 318 26.82 -13.93 1.75
C ILE A 318 28.16 -14.60 1.50
N GLY A 319 28.76 -14.34 0.35
CA GLY A 319 29.99 -15.04 0.02
C GLY A 319 29.72 -16.49 -0.32
N VAL A 320 30.33 -17.39 0.43
CA VAL A 320 30.07 -18.81 0.33
C VAL A 320 29.74 -19.33 1.73
N ILE A 321 28.70 -20.14 1.83
CA ILE A 321 28.35 -20.80 3.07
C ILE A 321 28.69 -22.28 2.91
N GLU A 322 29.38 -22.83 3.90
CA GLU A 322 30.04 -24.12 3.74
C GLU A 322 29.38 -25.24 4.52
N GLU A 323 28.55 -24.92 5.53
CA GLU A 323 27.74 -25.94 6.17
C GLU A 323 26.71 -26.55 5.23
N LEU A 324 26.34 -25.85 4.17
CA LEU A 324 25.56 -26.42 3.10
C LEU A 324 26.47 -26.84 1.94
N ASN A 325 27.66 -27.31 2.30
CA ASN A 325 28.64 -27.88 1.37
C ASN A 325 29.00 -26.90 0.27
N ASN A 326 29.65 -25.81 0.70
CA ASN A 326 30.23 -24.78 -0.18
C ASN A 326 29.15 -24.12 -1.01
N LEU A 327 27.99 -23.90 -0.41
CA LEU A 327 26.90 -23.21 -1.09
C LEU A 327 27.24 -21.74 -1.25
N SER A 328 27.09 -21.25 -2.47
CA SER A 328 27.24 -19.83 -2.75
C SER A 328 26.13 -19.43 -3.69
N PHE A 329 25.74 -18.17 -3.61
CA PHE A 329 24.74 -17.62 -4.49
C PHE A 329 25.42 -16.76 -5.53
N LYS A 330 24.79 -16.62 -6.67
CA LYS A 330 25.33 -15.75 -7.69
C LYS A 330 25.12 -14.29 -7.30
N ASN A 331 25.68 -13.40 -8.12
CA ASN A 331 25.46 -11.97 -7.92
C ASN A 331 24.44 -11.40 -8.87
N LYS A 332 24.39 -11.87 -10.09
CA LYS A 332 23.50 -11.32 -11.10
C LYS A 332 22.10 -11.85 -10.87
N TYR A 333 21.13 -11.19 -11.50
CA TYR A 333 19.80 -11.77 -11.58
C TYR A 333 19.74 -12.78 -12.71
N TYR A 334 18.53 -13.27 -12.94
CA TYR A 334 18.30 -14.19 -14.03
C TYR A 334 18.35 -13.51 -15.39
N GLU A 335 18.78 -14.26 -16.39
CA GLU A 335 18.70 -13.76 -17.76
C GLU A 335 17.28 -13.87 -18.29
N ASP A 336 16.46 -14.73 -17.68
CA ASP A 336 15.03 -14.84 -17.96
C ASP A 336 14.34 -15.51 -16.78
N VAL A 337 13.05 -15.23 -16.62
CA VAL A 337 12.31 -15.85 -15.52
C VAL A 337 11.75 -17.18 -15.98
N LYS A 338 11.92 -17.50 -17.26
CA LYS A 338 11.67 -18.82 -17.79
C LYS A 338 12.38 -19.88 -16.96
N LEU A 339 13.65 -19.63 -16.63
CA LEU A 339 14.39 -20.56 -15.80
C LEU A 339 13.93 -20.53 -14.35
N LEU A 340 13.13 -19.55 -13.95
CA LEU A 340 12.53 -19.61 -12.63
C LEU A 340 11.10 -20.14 -12.67
N GLY A 341 10.39 -19.94 -13.77
CA GLY A 341 9.07 -20.51 -13.91
C GLY A 341 7.97 -19.51 -14.16
N TYR A 342 8.30 -18.26 -14.43
CA TYR A 342 7.28 -17.33 -14.88
C TYR A 342 7.43 -17.11 -16.38
N SER A 343 6.49 -16.40 -16.98
CA SER A 343 6.54 -16.12 -18.41
C SER A 343 6.38 -14.63 -18.66
N SER A 344 7.29 -14.06 -19.41
CA SER A 344 7.42 -12.62 -19.56
C SER A 344 6.55 -12.08 -20.68
N GLY A 345 6.65 -10.78 -20.90
CA GLY A 345 6.02 -10.12 -22.04
C GLY A 345 5.65 -8.71 -21.67
N LYS A 346 5.33 -7.93 -22.70
CA LYS A 346 4.83 -6.57 -22.52
C LYS A 346 3.61 -6.35 -23.38
N ILE A 347 2.62 -5.69 -22.83
CA ILE A 347 1.31 -5.58 -23.44
C ILE A 347 1.31 -4.43 -24.43
N ASP A 348 0.62 -4.61 -25.56
CA ASP A 348 0.34 -3.48 -26.43
C ASP A 348 -0.47 -2.42 -25.69
N GLU A 349 -0.04 -1.19 -25.84
CA GLU A 349 -0.72 -0.08 -25.20
C GLU A 349 -2.07 0.14 -25.87
N PRO A 350 -3.12 0.45 -25.11
CA PRO A 350 -4.46 0.44 -25.70
C PRO A 350 -4.69 1.67 -26.56
N VAL A 351 -5.26 1.44 -27.75
CA VAL A 351 -5.70 2.55 -28.58
C VAL A 351 -6.91 3.21 -27.93
N LEU A 352 -6.83 4.53 -27.76
CA LEU A 352 -7.83 5.25 -26.99
C LEU A 352 -8.51 6.28 -27.89
N MET A 353 -9.79 6.49 -27.65
CA MET A 353 -10.62 7.34 -28.49
C MET A 353 -11.26 8.45 -27.68
N GLY A 354 -11.62 9.53 -28.37
CA GLY A 354 -12.28 10.66 -27.74
C GLY A 354 -13.48 11.17 -28.50
N ALA A 355 -13.57 12.49 -28.69
CA ALA A 355 -14.67 13.03 -29.47
C ALA A 355 -14.49 12.75 -30.95
N LYS A 356 -13.42 13.25 -31.54
CA LYS A 356 -13.13 13.03 -32.94
C LYS A 356 -12.32 11.73 -33.08
N GLY A 357 -12.87 10.65 -32.56
CA GLY A 357 -12.25 9.35 -32.66
C GLY A 357 -11.00 9.21 -31.82
N ILE A 358 -9.98 8.57 -32.39
CA ILE A 358 -8.80 8.14 -31.65
C ILE A 358 -8.01 9.33 -31.12
N ILE A 359 -7.61 9.26 -29.86
CA ILE A 359 -6.73 10.23 -29.25
C ILE A 359 -5.33 9.67 -29.25
N LYS A 360 -4.35 10.53 -29.48
CA LYS A 360 -3.00 10.05 -29.76
C LYS A 360 -2.17 10.03 -28.49
N ASN A 361 -2.06 11.16 -27.82
CA ASN A 361 -1.64 11.17 -26.44
C ASN A 361 -2.90 11.21 -25.61
N LYS A 362 -2.75 10.76 -24.37
CA LYS A 362 -3.73 10.94 -23.33
C LYS A 362 -3.92 12.40 -22.94
N MET A 363 -3.03 13.27 -23.36
CA MET A 363 -3.04 14.67 -22.97
C MET A 363 -3.83 15.55 -23.93
N GLN A 364 -3.79 15.26 -25.24
CA GLN A 364 -4.43 16.22 -26.17
C GLN A 364 -5.91 16.02 -26.32
N ILE A 365 -6.55 15.41 -25.33
CA ILE A 365 -8.00 15.33 -25.31
C ILE A 365 -8.62 16.73 -25.29
N PHE A 366 -7.93 17.69 -24.67
CA PHE A 366 -8.46 19.04 -24.60
C PHE A 366 -8.40 19.76 -25.93
N SER A 367 -7.58 19.28 -26.87
CA SER A 367 -7.74 19.70 -28.25
C SER A 367 -8.72 18.82 -29.01
N ASN A 368 -8.94 17.60 -28.54
CA ASN A 368 -9.87 16.71 -29.23
C ASN A 368 -11.29 16.80 -28.72
N GLY A 369 -11.50 17.09 -27.45
CA GLY A 369 -12.85 17.13 -26.88
C GLY A 369 -13.25 15.79 -26.32
N PHE A 370 -14.26 15.84 -25.45
CA PHE A 370 -14.61 14.70 -24.62
C PHE A 370 -15.46 13.69 -25.35
N TYR A 371 -15.39 12.44 -24.86
CA TYR A 371 -16.15 11.34 -25.45
C TYR A 371 -17.64 11.55 -25.32
N LYS A 372 -18.15 11.57 -24.10
CA LYS A 372 -19.56 11.83 -23.89
C LYS A 372 -19.74 12.93 -22.86
N LEU A 373 -20.74 13.73 -23.07
CA LEU A 373 -21.07 14.81 -22.17
C LEU A 373 -22.40 14.49 -21.47
N PRO A 374 -22.55 14.84 -20.20
CA PRO A 374 -23.78 14.51 -19.48
C PRO A 374 -24.96 15.36 -19.91
N GLU A 375 -26.04 15.24 -19.15
CA GLU A 375 -27.32 15.85 -19.50
C GLU A 375 -27.25 17.39 -19.51
N GLY A 376 -26.78 17.93 -20.63
CA GLY A 376 -26.88 19.35 -20.85
C GLY A 376 -25.93 20.22 -20.02
N LYS A 377 -26.55 21.16 -19.32
CA LYS A 377 -25.88 22.36 -18.83
C LYS A 377 -25.64 22.29 -17.34
N VAL A 378 -24.45 22.68 -16.92
CA VAL A 378 -24.05 22.67 -15.51
C VAL A 378 -23.50 24.04 -15.14
N ARG A 379 -23.88 24.50 -13.95
CA ARG A 379 -23.52 25.81 -13.44
C ARG A 379 -22.55 25.65 -12.28
N PHE A 380 -21.48 26.43 -12.29
CA PHE A 380 -20.46 26.34 -11.27
C PHE A 380 -20.85 27.16 -10.05
N GLY A 381 -20.03 27.07 -9.01
CA GLY A 381 -20.25 27.79 -7.78
C GLY A 381 -19.07 27.55 -6.85
N VAL A 382 -18.60 28.58 -6.16
CA VAL A 382 -17.33 28.51 -5.43
C VAL A 382 -17.50 29.07 -4.04
N LEU A 383 -17.15 28.29 -3.03
CA LEU A 383 -16.87 28.80 -1.69
C LEU A 383 -15.44 29.29 -1.64
N TYR A 384 -15.24 30.48 -1.09
CA TYR A 384 -13.94 31.12 -1.09
C TYR A 384 -13.66 31.71 0.28
N PRO A 385 -12.40 31.79 0.68
CA PRO A 385 -12.06 32.52 1.90
C PRO A 385 -12.19 34.02 1.68
N LYS A 386 -12.75 34.71 2.68
CA LYS A 386 -13.03 36.13 2.54
C LYS A 386 -11.78 36.98 2.52
N GLU A 387 -10.63 36.42 2.87
CA GLU A 387 -9.35 37.12 2.74
C GLU A 387 -8.58 36.66 1.52
N PHE A 388 -9.15 35.76 0.73
CA PHE A 388 -8.48 35.19 -0.44
C PHE A 388 -9.33 35.39 -1.68
N ASP A 389 -9.78 36.63 -1.90
CA ASP A 389 -10.85 36.88 -2.85
C ASP A 389 -10.34 36.93 -4.29
N GLY A 390 -9.43 37.86 -4.58
CA GLY A 390 -9.05 38.12 -5.96
C GLY A 390 -8.19 37.03 -6.55
N VAL A 391 -7.33 36.42 -5.74
CA VAL A 391 -6.61 35.22 -6.12
C VAL A 391 -7.57 34.12 -6.55
N SER A 392 -8.66 33.93 -5.78
CA SER A 392 -9.65 32.94 -6.13
C SER A 392 -10.37 33.32 -7.40
N ARG A 393 -10.68 34.61 -7.57
CA ARG A 393 -11.46 35.03 -8.74
C ARG A 393 -10.65 34.87 -10.02
N LYS A 394 -9.35 35.17 -9.95
CA LYS A 394 -8.49 34.90 -11.10
C LYS A 394 -8.35 33.42 -11.35
N ALA A 395 -8.38 32.60 -10.29
CA ALA A 395 -8.28 31.16 -10.46
C ALA A 395 -9.51 30.59 -11.15
N ILE A 396 -10.70 30.98 -10.68
CA ILE A 396 -11.95 30.52 -11.28
C ILE A 396 -12.06 31.04 -12.70
N ARG A 397 -11.62 32.29 -12.92
CA ARG A 397 -11.65 32.86 -14.25
C ARG A 397 -10.71 32.10 -15.17
N ALA A 398 -9.58 31.63 -14.64
CA ALA A 398 -8.66 30.81 -15.42
C ALA A 398 -9.28 29.48 -15.79
N ILE A 399 -9.86 28.80 -14.81
CA ILE A 399 -10.36 27.45 -15.08
C ILE A 399 -11.64 27.52 -15.92
N TYR A 400 -12.44 28.57 -15.76
CA TYR A 400 -13.66 28.66 -16.54
C TYR A 400 -13.36 29.17 -17.94
N ASP A 401 -12.38 30.06 -18.09
CA ASP A 401 -11.98 30.46 -19.42
C ASP A 401 -11.34 29.30 -20.15
N PHE A 402 -10.67 28.42 -19.42
CA PHE A 402 -10.21 27.16 -19.99
C PHE A 402 -11.38 26.28 -20.41
N SER A 403 -12.38 26.16 -19.55
CA SER A 403 -13.41 25.15 -19.75
C SER A 403 -14.42 25.58 -20.80
N LYS A 404 -14.72 26.87 -20.86
CA LYS A 404 -15.67 27.41 -21.80
C LYS A 404 -14.95 28.10 -22.96
N GLU A 405 -14.08 29.06 -22.65
CA GLU A 405 -13.47 29.84 -23.72
C GLU A 405 -12.24 29.14 -24.29
N GLY A 406 -11.59 28.29 -23.50
CA GLY A 406 -10.35 27.68 -23.94
C GLY A 406 -9.18 28.62 -23.98
N LYS A 407 -9.25 29.73 -23.25
CA LYS A 407 -8.33 30.84 -23.42
C LYS A 407 -7.39 30.87 -22.23
N TYR A 408 -6.16 30.40 -22.42
CA TYR A 408 -5.27 30.07 -21.32
C TYR A 408 -4.61 31.35 -20.80
N HIS A 409 -4.95 31.72 -19.56
CA HIS A 409 -4.68 32.97 -18.85
C HIS A 409 -4.85 34.20 -19.75
N GLY A 410 -5.91 34.21 -20.55
CA GLY A 410 -6.15 35.31 -21.45
C GLY A 410 -5.49 35.18 -22.80
N GLU A 411 -5.06 33.98 -23.18
CA GLU A 411 -4.50 33.74 -24.50
C GLU A 411 -5.11 32.45 -25.05
N SER A 412 -5.79 32.56 -26.18
CA SER A 412 -6.37 31.37 -26.80
C SER A 412 -5.29 30.56 -27.49
N ASN A 413 -5.41 29.24 -27.37
CA ASN A 413 -4.47 28.33 -28.00
C ASN A 413 -5.26 27.23 -28.69
N LYS A 414 -4.64 26.65 -29.72
CA LYS A 414 -5.22 25.51 -30.39
C LYS A 414 -5.02 24.21 -29.64
N TYR A 415 -4.33 24.24 -28.49
CA TYR A 415 -4.28 23.06 -27.65
C TYR A 415 -5.54 22.87 -26.84
N ILE A 416 -6.44 23.84 -26.81
CA ILE A 416 -7.67 23.75 -26.03
C ILE A 416 -8.84 23.96 -26.99
N ALA A 417 -9.87 23.15 -26.80
CA ALA A 417 -11.09 23.24 -27.60
C ALA A 417 -12.17 23.99 -26.83
N GLU A 418 -12.99 24.73 -27.57
CA GLU A 418 -14.11 25.45 -26.99
C GLU A 418 -15.14 24.48 -26.45
N HIS A 419 -15.84 24.91 -25.39
CA HIS A 419 -17.06 24.28 -24.89
C HIS A 419 -16.83 22.83 -24.47
N LEU A 420 -15.66 22.55 -23.91
CA LEU A 420 -15.30 21.17 -23.58
C LEU A 420 -16.15 20.62 -22.45
N ILE A 421 -16.72 21.47 -21.62
CA ILE A 421 -17.91 21.15 -20.87
C ILE A 421 -18.98 22.08 -21.41
N ASN A 422 -20.23 21.66 -21.35
CA ASN A 422 -21.31 22.60 -21.64
C ASN A 422 -21.65 23.28 -20.32
N VAL A 423 -20.89 24.30 -19.97
CA VAL A 423 -21.00 24.99 -18.68
C VAL A 423 -21.73 26.31 -18.83
N GLU A 424 -22.28 26.77 -17.71
CA GLU A 424 -22.93 28.08 -17.58
C GLU A 424 -22.35 28.77 -16.35
N PHE A 425 -21.48 29.74 -16.57
CA PHE A 425 -20.96 30.56 -15.50
C PHE A 425 -20.81 31.99 -15.99
N ASN A 426 -21.16 32.92 -15.13
CA ASN A 426 -21.11 34.35 -15.41
C ASN A 426 -21.01 35.03 -14.07
N PRO A 427 -19.96 35.81 -13.80
CA PRO A 427 -19.80 36.40 -12.47
C PRO A 427 -20.85 37.43 -12.11
N LYS A 428 -21.50 38.05 -13.09
CA LYS A 428 -22.65 38.90 -12.84
C LYS A 428 -23.93 38.10 -12.64
N GLU A 429 -23.90 36.80 -12.96
CA GLU A 429 -25.04 35.92 -12.74
C GLU A 429 -24.87 34.97 -11.57
N CYS A 430 -23.70 34.34 -11.45
CA CYS A 430 -23.48 33.25 -10.51
C CYS A 430 -23.28 33.77 -9.09
N ILE A 431 -23.09 32.84 -8.16
CA ILE A 431 -22.93 33.16 -6.75
C ILE A 431 -21.65 32.53 -6.23
N PHE A 432 -20.89 33.32 -5.47
CA PHE A 432 -19.78 32.86 -4.66
C PHE A 432 -20.17 33.17 -3.22
N GLU A 433 -20.66 32.19 -2.47
CA GLU A 433 -20.74 32.35 -1.04
C GLU A 433 -19.31 32.30 -0.50
N GLY A 434 -19.04 33.08 0.53
CA GLY A 434 -17.73 33.12 1.14
C GLY A 434 -17.78 32.43 2.49
N TYR A 435 -16.62 31.97 2.94
CA TYR A 435 -16.50 31.40 4.27
C TYR A 435 -15.29 32.00 4.97
N GLU A 436 -15.37 32.06 6.29
CA GLU A 436 -14.22 32.42 7.09
C GLU A 436 -13.57 31.12 7.57
N LEU A 437 -12.25 31.06 7.47
CA LEU A 437 -11.49 29.89 7.90
C LEU A 437 -11.59 29.79 9.42
N GLY A 438 -12.46 28.91 9.90
CA GLY A 438 -12.74 28.85 11.31
C GLY A 438 -13.27 27.51 11.78
N ASP A 439 -14.32 27.55 12.59
CA ASP A 439 -14.92 26.33 13.10
C ASP A 439 -15.61 25.57 11.98
N ILE A 440 -15.74 24.25 12.19
CA ILE A 440 -16.30 23.35 11.20
C ILE A 440 -17.81 23.58 11.05
N THR A 441 -18.47 24.06 12.11
CA THR A 441 -19.90 24.36 12.01
C THR A 441 -20.15 25.55 11.09
N GLU A 442 -19.19 26.47 10.99
CA GLU A 442 -19.29 27.54 10.02
C GLU A 442 -19.15 27.00 8.60
N TYR A 443 -18.27 26.00 8.43
CA TYR A 443 -18.10 25.36 7.13
C TYR A 443 -19.37 24.66 6.71
N LYS A 444 -19.98 23.96 7.66
CA LYS A 444 -21.21 23.22 7.38
C LYS A 444 -22.37 24.17 7.06
N LYS A 445 -22.53 25.24 7.85
CA LYS A 445 -23.61 26.17 7.56
C LYS A 445 -23.33 26.97 6.30
N ALA A 446 -22.05 27.10 5.90
CA ALA A 446 -21.74 27.78 4.65
C ALA A 446 -22.09 26.90 3.46
N ALA A 447 -21.81 25.60 3.56
CA ALA A 447 -22.23 24.69 2.51
C ALA A 447 -23.76 24.60 2.45
N LEU A 448 -24.42 24.68 3.60
CA LEU A 448 -25.88 24.78 3.61
C LEU A 448 -26.38 26.07 2.97
N LYS A 449 -25.66 27.17 3.15
CA LYS A 449 -26.10 28.42 2.54
C LYS A 449 -25.88 28.41 1.04
N LEU A 450 -24.87 27.67 0.57
CA LEU A 450 -24.73 27.51 -0.88
C LEU A 450 -25.70 26.45 -1.39
N ASN A 451 -26.25 25.63 -0.49
CA ASN A 451 -27.38 24.78 -0.82
C ASN A 451 -28.70 25.56 -0.90
N ASN A 452 -28.87 26.61 -0.08
CA ASN A 452 -30.17 27.28 0.03
C ASN A 452 -30.53 28.03 -1.24
N TYR A 453 -29.54 28.41 -2.03
CA TYR A 453 -29.81 28.84 -3.40
C TYR A 453 -29.74 27.62 -4.30
N ASN A 454 -30.84 27.33 -5.00
CA ASN A 454 -30.91 26.18 -5.88
C ASN A 454 -30.55 26.58 -7.31
N ASN A 455 -29.41 27.26 -7.42
CA ASN A 455 -28.98 27.77 -8.71
C ASN A 455 -27.59 27.29 -9.05
N VAL A 456 -26.94 26.57 -8.15
CA VAL A 456 -25.63 25.98 -8.38
C VAL A 456 -25.86 24.56 -8.88
N ASP A 457 -25.07 24.14 -9.86
CA ASP A 457 -25.15 22.76 -10.32
C ASP A 457 -23.87 22.01 -10.08
N PHE A 458 -22.83 22.67 -9.60
CA PHE A 458 -21.53 22.04 -9.34
C PHE A 458 -20.69 22.98 -8.49
N VAL A 459 -20.08 22.43 -7.46
CA VAL A 459 -19.29 23.19 -6.49
C VAL A 459 -17.84 23.08 -6.91
N ILE A 460 -17.11 24.20 -6.85
CA ILE A 460 -15.66 24.17 -6.82
C ILE A 460 -15.28 24.92 -5.55
N ALA A 461 -15.18 24.21 -4.45
CA ALA A 461 -14.88 24.82 -3.18
C ALA A 461 -13.39 25.14 -3.10
N ILE A 462 -13.02 26.00 -2.17
CA ILE A 462 -11.62 26.24 -1.88
C ILE A 462 -11.35 25.77 -0.46
N VAL A 463 -10.24 25.07 -0.25
CA VAL A 463 -9.93 24.48 1.05
C VAL A 463 -8.54 24.86 1.55
N PRO A 464 -8.34 24.95 2.86
CA PRO A 464 -6.97 24.98 3.39
C PRO A 464 -6.31 23.63 3.25
N ASN A 465 -4.99 23.63 3.44
CA ASN A 465 -4.14 22.62 2.82
C ASN A 465 -4.13 21.29 3.59
N MET A 466 -3.62 20.25 2.92
CA MET A 466 -3.39 18.96 3.58
C MET A 466 -2.35 19.09 4.67
N SER A 467 -1.39 19.98 4.48
CA SER A 467 -0.45 20.40 5.52
C SER A 467 -1.13 21.36 6.47
N ASP A 468 -0.31 22.15 7.18
CA ASP A 468 -0.76 23.30 7.95
C ASP A 468 -1.68 22.90 9.09
N GLU A 469 -1.10 22.33 10.15
CA GLU A 469 -1.81 21.90 11.35
C GLU A 469 -2.65 23.01 11.99
N GLU A 470 -2.38 24.27 11.66
CA GLU A 470 -3.23 25.40 12.00
C GLU A 470 -4.54 25.35 11.19
N ILE A 471 -5.25 26.50 11.20
CA ILE A 471 -6.70 26.67 11.14
C ILE A 471 -7.44 25.66 10.27
N GLU A 472 -8.48 25.07 10.86
CA GLU A 472 -8.96 23.71 10.58
C GLU A 472 -9.32 23.48 9.11
N ASN A 473 -9.03 22.27 8.63
CA ASN A 473 -9.21 21.93 7.22
C ASN A 473 -10.68 21.77 6.89
N SER A 474 -11.09 22.34 5.76
CA SER A 474 -12.50 22.45 5.41
C SER A 474 -12.98 21.36 4.47
N TYR A 475 -12.10 20.45 4.06
CA TYR A 475 -12.39 19.53 2.95
C TYR A 475 -13.51 18.58 3.29
N ASN A 476 -13.34 17.80 4.34
CA ASN A 476 -14.29 16.73 4.64
C ASN A 476 -15.69 17.15 5.09
N PRO A 477 -15.90 18.21 5.89
CA PRO A 477 -17.31 18.63 6.12
C PRO A 477 -17.99 19.13 4.86
N PHE A 478 -17.25 19.80 3.98
CA PHE A 478 -17.78 20.14 2.68
C PHE A 478 -18.12 18.90 1.87
N LYS A 479 -17.24 17.90 1.86
CA LYS A 479 -17.51 16.71 1.07
C LYS A 479 -18.70 15.93 1.61
N LYS A 480 -18.88 15.92 2.92
CA LYS A 480 -20.08 15.31 3.50
C LYS A 480 -21.34 16.04 3.06
N ILE A 481 -21.36 17.37 3.23
CA ILE A 481 -22.59 18.12 3.00
C ILE A 481 -22.89 18.22 1.52
N TRP A 482 -21.87 18.26 0.68
CA TRP A 482 -22.14 18.26 -0.75
C TRP A 482 -22.39 16.86 -1.29
N ALA A 483 -21.98 15.83 -0.54
CA ALA A 483 -22.32 14.48 -0.97
C ALA A 483 -23.79 14.16 -0.69
N GLU A 484 -24.30 14.58 0.48
CA GLU A 484 -25.69 14.25 0.83
C GLU A 484 -26.70 14.97 -0.06
N LEU A 485 -26.30 16.07 -0.67
CA LEU A 485 -27.13 16.71 -1.68
C LEU A 485 -27.09 15.98 -3.02
N ASN A 486 -26.14 15.06 -3.18
CA ASN A 486 -25.74 14.53 -4.48
C ASN A 486 -25.41 15.70 -5.40
N LEU A 487 -24.53 16.58 -4.93
CA LEU A 487 -24.00 17.64 -5.74
C LEU A 487 -22.49 17.50 -5.80
N PRO A 488 -21.92 17.22 -6.96
CA PRO A 488 -20.49 16.94 -7.03
C PRO A 488 -19.66 18.20 -6.80
N SER A 489 -18.42 18.01 -6.38
CA SER A 489 -17.64 19.11 -5.81
C SER A 489 -16.16 18.85 -6.00
N GLN A 490 -15.57 19.47 -7.00
CA GLN A 490 -14.13 19.40 -7.22
C GLN A 490 -13.45 20.52 -6.48
N MET A 491 -12.75 20.19 -5.41
CA MET A 491 -12.22 21.20 -4.50
C MET A 491 -10.82 21.57 -4.91
N ILE A 492 -10.34 22.70 -4.40
CA ILE A 492 -9.08 23.29 -4.80
C ILE A 492 -8.42 23.85 -3.55
N SER A 493 -7.15 23.54 -3.34
CA SER A 493 -6.48 24.13 -2.20
C SER A 493 -6.15 25.59 -2.48
N VAL A 494 -5.93 26.34 -1.39
CA VAL A 494 -5.55 27.75 -1.51
C VAL A 494 -4.20 27.87 -2.21
N LYS A 495 -3.31 26.89 -1.97
CA LYS A 495 -2.05 26.80 -2.70
C LYS A 495 -2.29 26.73 -4.19
N THR A 496 -3.26 25.93 -4.61
CA THR A 496 -3.59 25.83 -6.01
C THR A 496 -4.18 27.14 -6.53
N ALA A 497 -4.94 27.84 -5.70
CA ALA A 497 -5.46 29.14 -6.07
C ALA A 497 -4.35 30.15 -6.29
N GLU A 498 -3.33 30.12 -5.44
CA GLU A 498 -2.18 30.99 -5.60
C GLU A 498 -1.40 30.63 -6.84
N ILE A 499 -1.37 29.34 -7.20
CA ILE A 499 -0.65 28.93 -8.40
C ILE A 499 -1.38 29.42 -9.65
N PHE A 500 -2.71 29.34 -9.64
CA PHE A 500 -3.47 29.85 -10.77
C PHE A 500 -3.41 31.38 -10.85
N ALA A 501 -3.41 32.06 -9.70
CA ALA A 501 -3.42 33.51 -9.74
C ALA A 501 -2.05 34.08 -10.10
N ASN A 502 -0.99 33.57 -9.45
CA ASN A 502 0.35 34.10 -9.70
C ASN A 502 0.85 33.72 -11.09
N SER A 503 0.92 32.44 -11.38
CA SER A 503 1.64 31.95 -12.54
C SER A 503 0.89 32.25 -13.81
N ARG A 504 1.63 32.26 -14.91
CA ARG A 504 1.10 32.22 -16.26
C ARG A 504 1.61 30.99 -16.99
N ASP A 505 2.43 30.20 -16.32
CA ASP A 505 3.17 29.14 -16.97
C ASP A 505 2.38 27.84 -16.90
N ASN A 506 2.91 26.80 -17.55
CA ASN A 506 2.20 25.58 -17.84
C ASN A 506 2.04 24.65 -16.65
N THR A 507 2.61 25.01 -15.49
CA THR A 507 2.30 24.27 -14.28
C THR A 507 0.83 24.45 -13.92
N ALA A 508 0.31 25.67 -14.10
CA ALA A 508 -1.11 25.89 -13.96
C ALA A 508 -1.91 25.13 -15.03
N LEU A 509 -1.30 24.88 -16.18
CA LEU A 509 -1.96 24.05 -17.19
C LEU A 509 -2.07 22.60 -16.75
N TYR A 510 -1.05 22.09 -16.05
CA TYR A 510 -1.10 20.71 -15.53
C TYR A 510 -2.14 20.56 -14.43
N TYR A 511 -2.07 21.47 -13.44
CA TYR A 511 -3.15 21.65 -12.48
C TYR A 511 -4.51 21.72 -13.14
N LEU A 512 -4.61 22.45 -14.22
CA LEU A 512 -5.89 22.69 -14.85
C LEU A 512 -6.37 21.47 -15.62
N HIS A 513 -5.45 20.69 -16.16
CA HIS A 513 -5.80 19.42 -16.80
C HIS A 513 -6.49 18.50 -15.82
N ASN A 514 -5.84 18.27 -14.68
CA ASN A 514 -6.42 17.34 -13.71
C ASN A 514 -7.69 17.91 -13.10
N ILE A 515 -7.75 19.23 -12.92
CA ILE A 515 -8.96 19.86 -12.41
C ILE A 515 -10.13 19.66 -13.36
N VAL A 516 -9.91 19.80 -14.65
CA VAL A 516 -11.02 19.71 -15.58
C VAL A 516 -11.44 18.26 -15.80
N LEU A 517 -10.49 17.32 -15.74
CA LEU A 517 -10.92 15.92 -15.81
C LEU A 517 -11.66 15.50 -14.54
N GLY A 518 -11.32 16.11 -13.40
CA GLY A 518 -12.09 15.87 -12.19
C GLY A 518 -13.50 16.41 -12.25
N ILE A 519 -13.67 17.64 -12.77
CA ILE A 519 -15.02 18.21 -12.84
C ILE A 519 -15.84 17.49 -13.89
N LEU A 520 -15.18 16.88 -14.87
CA LEU A 520 -15.91 16.08 -15.84
C LEU A 520 -16.39 14.78 -15.21
N GLY A 521 -15.47 14.06 -14.58
CA GLY A 521 -15.82 12.77 -14.02
C GLY A 521 -16.71 12.85 -12.80
N LYS A 522 -16.88 14.04 -12.24
CA LYS A 522 -17.85 14.15 -11.17
C LYS A 522 -19.22 14.55 -11.68
N ILE A 523 -19.34 15.10 -12.88
CA ILE A 523 -20.68 15.41 -13.39
C ILE A 523 -21.12 14.28 -14.29
N GLY A 524 -20.37 13.19 -14.31
CA GLY A 524 -20.78 12.01 -15.01
C GLY A 524 -20.39 11.96 -16.46
N GLY A 525 -19.71 12.98 -16.98
CA GLY A 525 -19.19 12.86 -18.32
C GLY A 525 -17.95 12.00 -18.25
N ILE A 526 -17.68 11.22 -19.28
CA ILE A 526 -16.54 10.32 -19.29
C ILE A 526 -15.61 10.75 -20.41
N PRO A 527 -14.34 11.05 -20.11
CA PRO A 527 -13.52 11.80 -21.07
C PRO A 527 -13.02 11.01 -22.25
N TRP A 528 -12.42 9.84 -22.03
CA TRP A 528 -11.95 9.05 -23.16
C TRP A 528 -12.12 7.61 -22.78
N VAL A 529 -12.26 6.75 -23.78
CA VAL A 529 -12.47 5.34 -23.57
C VAL A 529 -11.58 4.58 -24.53
N VAL A 530 -11.49 3.26 -24.32
CA VAL A 530 -10.69 2.43 -25.21
C VAL A 530 -11.38 2.32 -26.56
N LYS A 531 -10.59 2.08 -27.60
CA LYS A 531 -11.19 1.92 -28.91
C LYS A 531 -11.82 0.55 -29.06
N ASP A 532 -11.12 -0.49 -28.62
CA ASP A 532 -11.62 -1.85 -28.69
C ASP A 532 -10.95 -2.69 -27.61
N MET A 533 -11.76 -3.31 -26.78
CA MET A 533 -11.27 -4.14 -25.69
C MET A 533 -10.82 -5.47 -26.26
N LYS A 534 -9.56 -5.82 -26.00
CA LYS A 534 -9.05 -7.10 -26.44
C LYS A 534 -9.72 -8.21 -25.66
N GLY A 535 -10.11 -9.27 -26.35
CA GLY A 535 -10.94 -10.28 -25.73
C GLY A 535 -12.40 -9.89 -25.76
N ASP A 536 -13.25 -10.91 -25.85
CA ASP A 536 -14.67 -10.71 -26.10
C ASP A 536 -15.38 -10.59 -24.76
N VAL A 537 -15.49 -9.36 -24.24
CA VAL A 537 -16.20 -9.11 -22.98
C VAL A 537 -17.21 -8.00 -23.20
N ASP A 538 -18.43 -8.18 -22.67
CA ASP A 538 -19.43 -7.13 -22.57
C ASP A 538 -19.19 -6.16 -21.43
N CYS A 539 -19.20 -6.61 -20.18
CA CYS A 539 -19.11 -5.68 -19.07
C CYS A 539 -18.18 -6.23 -18.01
N PHE A 540 -17.59 -5.33 -17.24
CA PHE A 540 -16.72 -5.68 -16.13
C PHE A 540 -17.49 -5.46 -14.86
N VAL A 541 -17.08 -6.11 -13.78
CA VAL A 541 -17.72 -5.96 -12.49
C VAL A 541 -16.63 -5.88 -11.44
N GLY A 542 -16.51 -4.76 -10.77
CA GLY A 542 -15.61 -4.66 -9.65
C GLY A 542 -16.31 -5.10 -8.38
N LEU A 543 -15.51 -5.55 -7.42
CA LEU A 543 -15.94 -5.65 -6.04
C LEU A 543 -14.72 -5.48 -5.16
N ASP A 544 -14.98 -5.21 -3.88
CA ASP A 544 -14.00 -5.20 -2.80
C ASP A 544 -14.77 -5.08 -1.50
N VAL A 545 -14.13 -5.49 -0.40
CA VAL A 545 -14.60 -5.28 0.96
C VAL A 545 -13.42 -4.82 1.79
N GLY A 546 -13.59 -3.71 2.52
CA GLY A 546 -12.53 -3.15 3.33
C GLY A 546 -12.40 -3.82 4.68
N THR A 547 -11.15 -4.05 5.09
CA THR A 547 -10.83 -4.57 6.42
C THR A 547 -9.98 -3.52 7.14
N ARG A 548 -10.67 -2.60 7.83
CA ARG A 548 -10.05 -1.33 8.21
C ARG A 548 -9.28 -1.46 9.54
N GLU A 549 -9.98 -1.77 10.63
CA GLU A 549 -9.39 -1.91 11.97
C GLU A 549 -9.80 -3.25 12.58
N LYS A 550 -9.57 -3.37 13.89
CA LYS A 550 -10.08 -4.49 14.66
C LYS A 550 -11.60 -4.50 14.69
N GLY A 551 -12.19 -5.60 14.22
CA GLY A 551 -13.62 -5.73 14.23
C GLY A 551 -14.35 -4.89 13.20
N ILE A 552 -13.84 -4.79 11.97
CA ILE A 552 -14.44 -3.99 10.93
C ILE A 552 -14.78 -4.90 9.76
N HIS A 553 -16.06 -4.93 9.38
CA HIS A 553 -16.56 -5.84 8.35
C HIS A 553 -17.40 -5.02 7.37
N TYR A 554 -16.80 -4.62 6.26
CA TYR A 554 -17.43 -3.68 5.35
C TYR A 554 -18.32 -4.42 4.33
N PRO A 555 -19.25 -3.72 3.69
CA PRO A 555 -20.04 -4.35 2.62
C PRO A 555 -19.46 -4.09 1.23
N ALA A 556 -19.73 -5.02 0.31
CA ALA A 556 -19.17 -4.97 -1.03
C ALA A 556 -19.80 -3.89 -1.87
N CYS A 557 -19.01 -2.96 -2.40
CA CYS A 557 -19.52 -1.93 -3.29
C CYS A 557 -19.00 -2.18 -4.70
N SER A 558 -19.91 -2.42 -5.63
CA SER A 558 -19.56 -2.87 -6.97
C SER A 558 -19.24 -1.71 -7.88
N VAL A 559 -19.04 -2.04 -9.16
CA VAL A 559 -19.05 -1.08 -10.27
C VAL A 559 -19.24 -1.89 -11.53
N VAL A 560 -19.74 -1.26 -12.59
CA VAL A 560 -20.08 -1.96 -13.83
C VAL A 560 -19.65 -1.09 -15.01
N PHE A 561 -18.82 -1.63 -15.88
CA PHE A 561 -18.35 -0.85 -17.01
C PHE A 561 -18.95 -1.48 -18.26
N ASP A 562 -18.45 -1.08 -19.42
CA ASP A 562 -18.84 -1.79 -20.63
C ASP A 562 -17.60 -2.26 -21.37
N LYS A 563 -17.80 -2.73 -22.60
CA LYS A 563 -16.67 -3.08 -23.46
C LYS A 563 -15.90 -1.84 -23.88
N TYR A 564 -16.54 -0.69 -23.87
CA TYR A 564 -15.80 0.56 -23.99
C TYR A 564 -15.16 0.96 -22.69
N GLY A 565 -15.53 0.32 -21.59
CA GLY A 565 -14.89 0.56 -20.32
C GLY A 565 -15.42 1.76 -19.59
N LYS A 566 -16.32 2.53 -20.21
CA LYS A 566 -16.88 3.69 -19.55
C LYS A 566 -17.77 3.23 -18.41
N LEU A 567 -17.81 4.03 -17.35
CA LEU A 567 -18.55 3.60 -16.18
C LEU A 567 -20.03 3.66 -16.49
N ILE A 568 -20.78 2.73 -15.93
CA ILE A 568 -22.21 2.69 -16.10
C ILE A 568 -22.93 2.79 -14.77
N ASN A 569 -22.69 1.84 -13.88
CA ASN A 569 -23.31 1.90 -12.57
C ASN A 569 -22.37 1.31 -11.55
N TYR A 570 -22.49 1.79 -10.33
CA TYR A 570 -21.94 1.15 -9.16
C TYR A 570 -23.09 0.91 -8.22
N TYR A 571 -22.85 0.15 -7.15
CA TYR A 571 -23.95 -0.25 -6.28
C TYR A 571 -23.42 -0.67 -4.92
N LYS A 572 -24.14 -0.29 -3.88
CA LYS A 572 -24.20 -0.51 -2.45
C LYS A 572 -25.34 -1.47 -2.13
N PRO A 573 -25.08 -2.53 -1.36
CA PRO A 573 -26.09 -3.58 -1.15
C PRO A 573 -27.29 -3.12 -0.34
N ASN A 574 -28.25 -4.02 -0.20
CA ASN A 574 -29.39 -3.73 0.66
C ASN A 574 -29.09 -4.04 2.11
N ILE A 575 -28.85 -5.31 2.41
CA ILE A 575 -28.94 -5.81 3.78
C ILE A 575 -27.54 -6.19 4.27
N PRO A 576 -27.31 -6.27 5.58
CA PRO A 576 -25.97 -6.67 6.04
C PRO A 576 -25.67 -8.15 5.81
N GLN A 577 -24.38 -8.42 5.66
CA GLN A 577 -23.75 -9.69 5.35
C GLN A 577 -23.63 -10.56 6.60
N ASN A 578 -22.80 -11.60 6.50
CA ASN A 578 -22.51 -12.49 7.64
C ASN A 578 -21.07 -12.27 8.09
N GLY A 579 -20.86 -11.26 8.93
CA GLY A 579 -19.50 -10.91 9.30
C GLY A 579 -18.82 -10.18 8.17
N GLU A 580 -17.68 -10.69 7.74
CA GLU A 580 -17.09 -10.24 6.48
C GLU A 580 -17.41 -11.20 5.35
N LYS A 581 -17.76 -12.45 5.68
CA LYS A 581 -18.27 -13.40 4.71
C LYS A 581 -19.63 -12.93 4.22
N ILE A 582 -19.69 -12.51 2.96
CA ILE A 582 -20.86 -11.87 2.40
C ILE A 582 -21.93 -12.93 2.19
N ASN A 583 -23.18 -12.60 2.51
CA ASN A 583 -24.28 -13.51 2.20
C ASN A 583 -24.44 -13.66 0.69
N THR A 584 -25.10 -14.73 0.30
CA THR A 584 -25.26 -15.01 -1.12
C THR A 584 -26.25 -14.06 -1.77
N GLU A 585 -27.22 -13.56 -1.00
CA GLU A 585 -28.25 -12.73 -1.58
C GLU A 585 -27.77 -11.32 -1.83
N ILE A 586 -26.69 -10.89 -1.17
CA ILE A 586 -26.07 -9.63 -1.53
C ILE A 586 -25.40 -9.74 -2.88
N LEU A 587 -24.74 -10.85 -3.14
CA LEU A 587 -24.22 -11.16 -4.48
C LEU A 587 -25.35 -11.19 -5.49
N GLN A 588 -26.48 -11.81 -5.11
CA GLN A 588 -27.66 -11.83 -5.96
C GLN A 588 -28.17 -10.43 -6.25
N GLU A 589 -28.24 -9.59 -5.21
CA GLU A 589 -28.76 -8.24 -5.31
C GLU A 589 -27.88 -7.38 -6.22
N ILE A 590 -26.57 -7.44 -5.99
CA ILE A 590 -25.60 -6.72 -6.82
C ILE A 590 -25.75 -7.13 -8.26
N PHE A 591 -25.73 -8.44 -8.52
CA PHE A 591 -25.71 -8.87 -9.90
C PHE A 591 -27.07 -8.71 -10.56
N ASP A 592 -28.15 -8.66 -9.78
CA ASP A 592 -29.43 -8.24 -10.30
C ASP A 592 -29.37 -6.81 -10.78
N LYS A 593 -28.75 -5.93 -9.99
CA LYS A 593 -28.61 -4.55 -10.43
C LYS A 593 -27.67 -4.46 -11.63
N VAL A 594 -26.70 -5.36 -11.71
CA VAL A 594 -25.76 -5.39 -12.83
C VAL A 594 -26.49 -5.74 -14.11
N LEU A 595 -27.29 -6.80 -14.07
CA LEU A 595 -27.97 -7.27 -15.27
C LEU A 595 -29.04 -6.26 -15.71
N ILE A 596 -29.75 -5.65 -14.76
CA ILE A 596 -30.74 -4.66 -15.20
C ILE A 596 -30.05 -3.38 -15.65
N SER A 597 -28.85 -3.09 -15.11
CA SER A 597 -28.16 -1.87 -15.48
C SER A 597 -27.62 -1.97 -16.91
N TYR A 598 -26.93 -3.06 -17.22
CA TYR A 598 -26.47 -3.25 -18.58
C TYR A 598 -27.64 -3.52 -19.52
N GLU A 599 -28.74 -4.04 -18.98
CA GLU A 599 -29.93 -4.26 -19.78
C GLU A 599 -30.52 -2.95 -20.27
N GLU A 600 -30.96 -2.09 -19.35
CA GLU A 600 -31.56 -0.84 -19.79
C GLU A 600 -30.53 0.22 -20.15
N GLU A 601 -29.24 -0.13 -20.15
CA GLU A 601 -28.30 0.78 -20.78
C GLU A 601 -27.86 0.33 -22.16
N ASN A 602 -28.00 -0.96 -22.51
CA ASN A 602 -27.67 -1.40 -23.86
C ASN A 602 -28.61 -2.42 -24.46
N GLY A 603 -29.82 -2.59 -23.93
CA GLY A 603 -30.84 -3.35 -24.62
C GLY A 603 -30.64 -4.85 -24.67
N ALA A 604 -29.70 -5.39 -23.89
CA ALA A 604 -29.40 -6.81 -23.97
C ALA A 604 -28.80 -7.26 -22.65
N TYR A 605 -28.96 -8.54 -22.35
CA TYR A 605 -28.25 -9.12 -21.22
C TYR A 605 -26.76 -9.20 -21.53
N PRO A 606 -25.91 -9.16 -20.50
CA PRO A 606 -24.47 -9.31 -20.73
C PRO A 606 -24.13 -10.74 -21.10
N LYS A 607 -23.29 -10.90 -22.12
CA LYS A 607 -22.89 -12.24 -22.54
C LYS A 607 -21.49 -12.61 -22.09
N ASN A 608 -20.72 -11.68 -21.56
CA ASN A 608 -19.43 -11.95 -20.92
C ASN A 608 -19.24 -10.99 -19.78
N ILE A 609 -19.03 -11.51 -18.58
CA ILE A 609 -18.87 -10.67 -17.40
C ILE A 609 -17.56 -11.01 -16.73
N VAL A 610 -16.67 -10.05 -16.64
CA VAL A 610 -15.43 -10.20 -15.91
C VAL A 610 -15.64 -9.62 -14.53
N ILE A 611 -15.54 -10.45 -13.52
CA ILE A 611 -15.73 -9.98 -12.16
C ILE A 611 -14.34 -9.75 -11.59
N HIS A 612 -13.79 -8.56 -11.73
CA HIS A 612 -12.56 -8.26 -11.02
C HIS A 612 -12.91 -8.11 -9.56
N ARG A 613 -12.46 -9.05 -8.75
CA ARG A 613 -12.62 -8.90 -7.31
C ARG A 613 -11.28 -8.55 -6.70
N ALA A 614 -11.29 -7.60 -5.80
CA ALA A 614 -10.28 -7.57 -4.75
C ALA A 614 -10.84 -8.38 -3.60
N GLY A 615 -10.12 -8.41 -2.50
CA GLY A 615 -10.66 -9.01 -1.30
C GLY A 615 -10.66 -10.53 -1.36
N PHE A 616 -10.91 -11.14 -0.21
CA PHE A 616 -10.75 -12.58 -0.08
C PHE A 616 -11.91 -13.33 -0.72
N SER A 617 -11.72 -14.63 -0.87
CA SER A 617 -12.75 -15.51 -1.39
C SER A 617 -13.62 -15.99 -0.25
N ARG A 618 -14.14 -15.06 0.55
CA ARG A 618 -15.20 -15.34 1.51
C ARG A 618 -16.50 -15.69 0.81
N GLU A 619 -16.66 -15.22 -0.41
CA GLU A 619 -17.67 -15.71 -1.34
C GLU A 619 -17.34 -17.14 -1.73
N ASP A 620 -18.27 -17.77 -2.44
CA ASP A 620 -18.03 -19.10 -2.95
C ASP A 620 -18.24 -19.11 -4.45
N LEU A 621 -17.34 -19.79 -5.16
CA LEU A 621 -17.38 -19.86 -6.61
C LEU A 621 -18.62 -20.58 -7.11
N ASP A 622 -19.08 -21.59 -6.38
CA ASP A 622 -20.19 -22.39 -6.88
C ASP A 622 -21.51 -21.65 -6.80
N TRP A 623 -21.59 -20.59 -5.97
CA TRP A 623 -22.65 -19.62 -6.12
C TRP A 623 -22.67 -19.05 -7.53
N TYR A 624 -21.52 -18.57 -7.98
CA TYR A 624 -21.40 -18.02 -9.33
C TYR A 624 -21.65 -19.08 -10.39
N GLU A 625 -21.23 -20.32 -10.12
CA GLU A 625 -21.38 -21.40 -11.08
C GLU A 625 -22.85 -21.71 -11.31
N ASN A 626 -23.60 -21.93 -10.22
CA ASN A 626 -25.03 -22.16 -10.33
C ASN A 626 -25.75 -20.95 -10.90
N TYR A 627 -25.29 -19.74 -10.53
CA TYR A 627 -25.99 -18.53 -10.94
C TYR A 627 -25.85 -18.29 -12.43
N PHE A 628 -24.62 -18.17 -12.92
CA PHE A 628 -24.44 -17.97 -14.35
C PHE A 628 -24.54 -19.24 -15.16
N GLY A 629 -24.87 -20.38 -14.54
CA GLY A 629 -25.36 -21.49 -15.31
C GLY A 629 -26.85 -21.42 -15.55
N LYS A 630 -27.62 -21.05 -14.53
CA LYS A 630 -29.05 -20.82 -14.73
C LYS A 630 -29.27 -19.64 -15.66
N LYS A 631 -28.48 -18.59 -15.53
CA LYS A 631 -28.50 -17.49 -16.48
C LYS A 631 -27.49 -17.67 -17.59
N ASN A 632 -26.97 -18.89 -17.75
CA ASN A 632 -26.31 -19.47 -18.94
C ASN A 632 -25.43 -18.50 -19.72
N ILE A 633 -24.62 -17.74 -18.98
CA ILE A 633 -23.67 -16.80 -19.55
C ILE A 633 -22.31 -17.04 -18.92
N LYS A 634 -21.33 -17.29 -19.77
CA LYS A 634 -19.96 -17.51 -19.33
C LYS A 634 -19.38 -16.24 -18.73
N PHE A 635 -18.39 -16.41 -17.85
CA PHE A 635 -17.91 -15.31 -17.03
C PHE A 635 -16.55 -15.67 -16.48
N ASN A 636 -15.90 -14.69 -15.86
CA ASN A 636 -14.48 -14.78 -15.53
C ASN A 636 -14.24 -14.01 -14.24
N ILE A 637 -13.75 -14.67 -13.22
CA ILE A 637 -13.43 -13.99 -11.98
C ILE A 637 -11.93 -13.87 -11.86
N ILE A 638 -11.38 -12.77 -12.33
CA ILE A 638 -9.98 -12.42 -12.13
C ILE A 638 -9.88 -11.72 -10.78
N GLU A 639 -9.02 -12.20 -9.90
CA GLU A 639 -8.84 -11.51 -8.64
C GLU A 639 -7.63 -10.60 -8.73
N VAL A 640 -7.81 -9.33 -8.40
CA VAL A 640 -6.72 -8.35 -8.34
C VAL A 640 -6.37 -8.11 -6.89
N LYS A 641 -5.13 -8.40 -6.53
CA LYS A 641 -4.61 -8.14 -5.21
C LYS A 641 -3.71 -6.94 -5.33
N LYS A 642 -3.88 -5.96 -4.45
CA LYS A 642 -3.39 -4.62 -4.76
C LYS A 642 -1.92 -4.41 -4.40
N SER A 643 -1.46 -4.95 -3.29
CA SER A 643 -0.11 -4.71 -2.84
C SER A 643 0.69 -5.99 -2.95
N THR A 644 1.80 -5.95 -3.67
CA THR A 644 2.64 -7.14 -3.75
C THR A 644 4.08 -6.73 -3.52
N PRO A 645 4.91 -7.59 -2.94
CA PRO A 645 6.31 -7.22 -2.75
C PRO A 645 7.18 -7.53 -3.92
N LEU A 646 6.70 -8.27 -4.92
CA LEU A 646 7.58 -8.72 -5.97
C LEU A 646 7.79 -7.62 -6.98
N LYS A 647 8.82 -6.82 -6.79
CA LYS A 647 9.16 -5.78 -7.75
C LYS A 647 9.77 -6.48 -8.96
N ILE A 648 9.79 -5.79 -10.08
CA ILE A 648 10.21 -6.40 -11.34
C ILE A 648 11.27 -5.51 -11.96
N ALA A 649 12.33 -6.11 -12.48
CA ALA A 649 13.34 -5.33 -13.14
C ALA A 649 13.46 -5.73 -14.59
N SER A 650 14.00 -4.82 -15.39
CA SER A 650 14.30 -5.08 -16.78
C SER A 650 15.80 -5.27 -16.94
N ILE A 651 16.20 -5.96 -18.01
CA ILE A 651 17.59 -6.21 -18.29
C ILE A 651 17.87 -5.86 -19.73
N ASN A 652 18.79 -4.94 -19.94
CA ASN A 652 19.32 -4.69 -21.28
C ASN A 652 20.82 -4.88 -21.16
N GLU A 653 21.27 -6.11 -21.39
CA GLU A 653 22.68 -6.51 -21.36
C GLU A 653 23.31 -6.23 -20.01
N GLY A 654 22.69 -6.75 -18.96
CA GLY A 654 23.14 -6.54 -17.61
C GLY A 654 22.62 -5.29 -16.94
N ASN A 655 22.23 -4.28 -17.71
CA ASN A 655 21.74 -3.02 -17.16
C ASN A 655 20.37 -3.25 -16.56
N ILE A 656 20.22 -2.90 -15.29
CA ILE A 656 19.00 -3.17 -14.55
C ILE A 656 18.20 -1.88 -14.46
N THR A 657 17.13 -1.78 -15.24
CA THR A 657 16.32 -0.56 -15.21
C THR A 657 14.90 -0.89 -14.83
N ASN A 658 14.17 0.16 -14.43
CA ASN A 658 12.74 0.01 -14.16
C ASN A 658 12.02 -0.35 -15.45
N PRO A 659 10.97 -1.15 -15.38
CA PRO A 659 10.29 -1.56 -16.60
C PRO A 659 9.37 -0.50 -17.14
N GLU A 660 9.20 -0.51 -18.46
CA GLU A 660 8.13 0.21 -19.10
C GLU A 660 6.81 -0.36 -18.63
N LYS A 661 5.78 0.48 -18.59
CA LYS A 661 4.49 0.03 -18.10
C LYS A 661 3.89 -0.99 -19.06
N GLY A 662 3.01 -1.82 -18.53
CA GLY A 662 2.40 -2.84 -19.34
C GLY A 662 3.25 -4.06 -19.58
N SER A 663 4.41 -4.17 -18.93
CA SER A 663 5.17 -5.40 -19.02
C SER A 663 4.73 -6.33 -17.91
N TYR A 664 4.55 -7.59 -18.25
CA TYR A 664 3.96 -8.56 -17.34
C TYR A 664 4.84 -9.77 -17.19
N ILE A 665 4.68 -10.47 -16.08
CA ILE A 665 5.18 -11.82 -15.91
C ILE A 665 4.05 -12.70 -15.40
N LEU A 666 4.02 -13.96 -15.84
CA LEU A 666 2.86 -14.84 -15.68
C LEU A 666 3.28 -16.27 -15.36
N ARG A 667 2.58 -16.88 -14.40
CA ARG A 667 2.73 -18.29 -14.10
C ARG A 667 1.36 -18.91 -13.83
N GLY A 668 0.80 -19.54 -14.85
CA GLY A 668 -0.43 -20.30 -14.67
C GLY A 668 -1.61 -19.39 -14.43
N ASN A 669 -2.15 -19.45 -13.23
CA ASN A 669 -3.24 -18.56 -12.84
C ASN A 669 -2.81 -17.56 -11.78
N LYS A 670 -1.55 -17.13 -11.82
CA LYS A 670 -1.09 -15.94 -11.14
C LYS A 670 -0.15 -15.21 -12.07
N ALA A 671 -0.27 -13.89 -12.14
CA ALA A 671 0.57 -13.10 -13.03
C ALA A 671 0.81 -11.73 -12.45
N TYR A 672 2.02 -11.21 -12.69
CA TYR A 672 2.40 -9.89 -12.19
C TYR A 672 2.65 -8.99 -13.39
N MET A 673 2.42 -7.70 -13.21
CA MET A 673 2.46 -6.75 -14.30
C MET A 673 2.53 -5.34 -13.75
N VAL A 674 3.44 -4.52 -14.27
CA VAL A 674 3.49 -3.10 -13.96
C VAL A 674 2.46 -2.37 -14.81
N THR A 675 1.77 -1.40 -14.21
CA THR A 675 0.82 -0.59 -14.94
C THR A 675 1.21 0.86 -14.98
N THR A 676 2.39 1.21 -14.48
CA THR A 676 2.76 2.60 -14.43
C THR A 676 4.19 2.77 -14.91
N ASP A 677 4.39 3.85 -15.65
CA ASP A 677 5.72 4.26 -16.09
C ASP A 677 6.31 5.11 -14.99
N ILE A 678 7.37 4.62 -14.37
CA ILE A 678 8.21 5.46 -13.56
C ILE A 678 9.61 5.37 -14.14
N LYS A 679 10.21 6.53 -14.39
CA LYS A 679 11.55 6.62 -14.89
C LYS A 679 12.54 6.39 -13.76
N GLU A 680 13.78 6.80 -13.97
CA GLU A 680 14.75 6.81 -12.89
C GLU A 680 14.40 7.85 -11.82
N ASN A 681 15.24 7.92 -10.81
CA ASN A 681 15.27 8.94 -9.77
C ASN A 681 14.06 8.92 -8.84
N LEU A 682 13.10 8.03 -9.07
CA LEU A 682 11.78 8.18 -8.47
C LEU A 682 11.26 6.90 -7.83
N GLY A 683 11.76 5.74 -8.22
CA GLY A 683 11.38 4.51 -7.56
C GLY A 683 11.29 3.33 -8.52
N SER A 684 10.97 2.19 -7.93
CA SER A 684 10.68 0.97 -8.65
C SER A 684 9.19 0.77 -8.73
N PRO A 685 8.66 0.40 -9.88
CA PRO A 685 7.21 0.27 -9.99
C PRO A 685 6.71 -0.95 -9.25
N LYS A 686 5.72 -0.74 -8.41
CA LYS A 686 5.19 -1.80 -7.56
C LYS A 686 4.04 -2.43 -8.31
N PRO A 687 4.24 -3.58 -8.93
CA PRO A 687 3.31 -4.04 -9.96
C PRO A 687 2.03 -4.62 -9.39
N LEU A 688 1.23 -5.21 -10.26
CA LEU A 688 -0.07 -5.73 -9.86
C LEU A 688 -0.01 -7.22 -9.59
N LYS A 689 -0.94 -7.71 -8.78
CA LYS A 689 -1.13 -9.14 -8.57
C LYS A 689 -2.50 -9.54 -9.09
N ILE A 690 -2.52 -10.47 -10.02
CA ILE A 690 -3.73 -10.87 -10.73
C ILE A 690 -3.80 -12.39 -10.71
N GLU A 691 -4.90 -12.93 -10.23
CA GLU A 691 -5.04 -14.37 -10.13
C GLU A 691 -6.46 -14.84 -10.44
N LYS A 692 -6.58 -15.56 -11.55
CA LYS A 692 -7.84 -16.04 -12.09
C LYS A 692 -8.36 -17.15 -11.19
N SER A 693 -9.40 -16.86 -10.42
CA SER A 693 -9.97 -17.91 -9.59
C SER A 693 -10.79 -18.88 -10.42
N TYR A 694 -11.32 -18.43 -11.56
CA TYR A 694 -12.19 -19.23 -12.40
C TYR A 694 -12.25 -18.62 -13.78
N GLY A 695 -12.56 -19.43 -14.77
CA GLY A 695 -13.07 -18.89 -16.02
C GLY A 695 -12.50 -19.66 -17.18
N ASP A 696 -12.72 -19.11 -18.37
CA ASP A 696 -12.29 -19.77 -19.60
C ASP A 696 -11.52 -18.83 -20.51
N ILE A 697 -10.93 -17.76 -19.98
CA ILE A 697 -10.15 -16.87 -20.82
C ILE A 697 -8.69 -16.95 -20.43
N ASP A 698 -7.85 -16.73 -21.43
CA ASP A 698 -6.42 -16.68 -21.22
C ASP A 698 -6.03 -15.46 -20.39
N MET A 699 -5.01 -15.65 -19.55
CA MET A 699 -4.51 -14.56 -18.72
C MET A 699 -3.87 -13.46 -19.52
N LEU A 700 -3.44 -13.72 -20.75
CA LEU A 700 -2.94 -12.67 -21.62
C LEU A 700 -3.99 -11.61 -21.86
N THR A 701 -5.21 -12.04 -22.18
CA THR A 701 -6.27 -11.10 -22.46
C THR A 701 -6.76 -10.41 -21.20
N ALA A 702 -6.75 -11.11 -20.07
CA ALA A 702 -7.15 -10.46 -18.82
C ALA A 702 -6.13 -9.41 -18.41
N LEU A 703 -4.85 -9.68 -18.65
CA LEU A 703 -3.84 -8.66 -18.42
C LEU A 703 -3.99 -7.49 -19.38
N SER A 704 -4.36 -7.75 -20.64
CA SER A 704 -4.56 -6.66 -21.58
C SER A 704 -5.72 -5.78 -21.17
N GLN A 705 -6.78 -6.40 -20.67
CA GLN A 705 -7.94 -5.64 -20.22
C GLN A 705 -7.63 -4.85 -18.95
N ILE A 706 -6.87 -5.44 -18.03
CA ILE A 706 -6.48 -4.75 -16.82
C ILE A 706 -5.59 -3.55 -17.11
N TYR A 707 -4.63 -3.70 -18.01
CA TYR A 707 -3.74 -2.59 -18.32
C TYR A 707 -4.47 -1.49 -19.08
N ALA A 708 -5.42 -1.87 -19.95
CA ALA A 708 -6.24 -0.84 -20.58
C ALA A 708 -7.11 -0.13 -19.56
N LEU A 709 -7.57 -0.84 -18.55
CA LEU A 709 -8.40 -0.21 -17.52
C LEU A 709 -7.57 0.56 -16.51
N THR A 710 -6.27 0.41 -16.57
CA THR A 710 -5.44 1.40 -15.92
C THR A 710 -5.21 2.60 -16.81
N GLN A 711 -5.33 2.45 -18.13
CA GLN A 711 -5.20 3.63 -18.98
C GLN A 711 -6.48 4.45 -19.09
N ILE A 712 -7.59 4.00 -18.51
CA ILE A 712 -8.84 4.74 -18.52
C ILE A 712 -9.17 5.25 -17.13
N HIS A 713 -8.16 5.62 -16.36
CA HIS A 713 -8.48 6.41 -15.20
C HIS A 713 -8.98 7.74 -15.71
N VAL A 714 -10.05 8.23 -15.10
CA VAL A 714 -10.72 9.37 -15.68
C VAL A 714 -10.80 10.51 -14.66
N GLY A 715 -9.80 10.59 -13.79
CA GLY A 715 -9.66 11.72 -12.90
C GLY A 715 -8.25 12.24 -12.90
N ALA A 716 -7.52 11.97 -13.97
CA ALA A 716 -6.13 12.34 -14.08
C ALA A 716 -5.75 12.34 -15.54
N THR A 717 -4.55 12.80 -15.83
CA THR A 717 -4.00 12.53 -17.13
C THR A 717 -2.99 11.41 -17.12
N LYS A 718 -2.85 10.70 -15.99
CA LYS A 718 -1.91 9.60 -15.88
C LYS A 718 -2.61 8.38 -15.31
N SER A 719 -1.90 7.27 -15.31
CA SER A 719 -2.51 5.97 -15.03
C SER A 719 -2.79 5.80 -13.54
N LEU A 720 -3.95 5.22 -13.25
CA LEU A 720 -4.16 4.62 -11.94
C LEU A 720 -3.44 3.29 -11.93
N ARG A 721 -2.79 2.93 -10.81
CA ARG A 721 -2.08 1.65 -10.74
C ARG A 721 -3.05 0.49 -10.80
N LEU A 722 -4.04 0.50 -9.92
CA LEU A 722 -5.18 -0.36 -10.03
C LEU A 722 -5.93 -0.07 -11.32
N PRO A 723 -6.70 -1.00 -11.80
CA PRO A 723 -7.59 -0.71 -12.91
C PRO A 723 -8.82 -0.08 -12.34
N ILE A 724 -9.62 0.52 -13.22
CA ILE A 724 -10.69 1.37 -12.72
C ILE A 724 -11.81 0.54 -12.11
N THR A 725 -11.88 -0.76 -12.42
CA THR A 725 -12.78 -1.67 -11.73
C THR A 725 -12.46 -1.75 -10.25
N THR A 726 -11.30 -2.34 -9.94
CA THR A 726 -10.92 -2.55 -8.57
C THR A 726 -10.59 -1.24 -7.89
N GLY A 727 -9.98 -0.32 -8.64
CA GLY A 727 -9.61 0.95 -8.07
C GLY A 727 -10.81 1.77 -7.68
N TYR A 728 -11.83 1.78 -8.54
CA TYR A 728 -12.96 2.61 -8.20
C TYR A 728 -13.82 1.92 -7.17
N ALA A 729 -13.79 0.58 -7.14
CA ALA A 729 -14.39 -0.14 -6.04
C ALA A 729 -13.72 0.21 -4.72
N ASP A 730 -12.39 0.32 -4.74
CA ASP A 730 -11.65 0.62 -3.53
C ASP A 730 -11.93 2.04 -3.05
N LYS A 731 -11.98 2.99 -3.98
CA LYS A 731 -12.23 4.37 -3.57
C LYS A 731 -13.64 4.54 -3.05
N ILE A 732 -14.59 3.79 -3.61
CA ILE A 732 -15.94 3.82 -3.06
C ILE A 732 -15.97 3.19 -1.68
N CYS A 733 -15.19 2.13 -1.47
CA CYS A 733 -15.23 1.47 -0.16
C CYS A 733 -14.49 2.29 0.90
N LYS A 734 -13.57 3.16 0.49
CA LYS A 734 -13.08 4.15 1.44
C LYS A 734 -14.15 5.17 1.75
N ALA A 735 -14.88 5.62 0.72
CA ALA A 735 -15.87 6.68 0.85
C ALA A 735 -17.26 6.08 1.05
N ILE A 736 -17.38 5.30 2.12
CA ILE A 736 -18.64 4.63 2.40
C ILE A 736 -19.64 5.58 3.04
N GLU A 737 -19.19 6.74 3.49
CA GLU A 737 -20.13 7.76 3.93
C GLU A 737 -20.71 8.53 2.76
N PHE A 738 -20.07 8.49 1.60
CA PHE A 738 -20.46 9.28 0.45
C PHE A 738 -21.38 8.52 -0.49
N ILE A 739 -22.19 7.61 0.01
CA ILE A 739 -23.13 6.82 -0.81
C ILE A 739 -24.17 7.73 -1.43
N PRO A 740 -24.81 7.35 -2.54
CA PRO A 740 -25.91 8.16 -3.07
C PRO A 740 -27.10 8.18 -2.14
N GLN A 741 -27.79 9.32 -2.13
CA GLN A 741 -29.04 9.45 -1.39
C GLN A 741 -30.12 8.57 -1.98
N GLY A 742 -30.47 8.77 -3.25
CA GLY A 742 -31.52 7.99 -3.87
C GLY A 742 -31.01 7.02 -4.91
N ARG A 743 -31.04 7.45 -6.17
CA ARG A 743 -30.58 6.62 -7.27
C ARG A 743 -29.06 6.46 -7.22
N VAL A 744 -28.60 5.22 -7.29
CA VAL A 744 -27.18 4.90 -7.21
C VAL A 744 -26.73 4.75 -8.66
N ASP A 745 -26.32 5.86 -9.28
CA ASP A 745 -26.22 5.90 -10.74
C ASP A 745 -24.82 6.13 -11.27
N ASN A 746 -24.25 7.30 -11.01
CA ASN A 746 -23.10 7.82 -11.72
C ASN A 746 -22.64 9.00 -10.89
N ARG A 747 -21.91 9.94 -11.49
CA ARG A 747 -21.41 11.16 -10.83
C ARG A 747 -20.50 10.80 -9.65
N LEU A 748 -19.35 10.27 -10.04
CA LEU A 748 -18.40 9.64 -9.15
C LEU A 748 -17.87 10.63 -8.14
N PHE A 749 -18.31 10.47 -6.90
CA PHE A 749 -17.91 11.33 -5.81
C PHE A 749 -16.45 11.18 -5.42
N PHE A 750 -15.81 10.11 -5.84
CA PHE A 750 -14.46 9.81 -5.43
C PHE A 750 -13.39 10.37 -6.33
N LEU A 751 -13.71 10.63 -7.59
CA LEU A 751 -12.72 10.67 -8.65
C LEU A 751 -11.78 11.87 -8.62
MN MN D . -10.47 14.74 -6.89
#